data_1I7T
#
_entry.id   1I7T
#
_cell.length_a   49.920
_cell.length_b   62.930
_cell.length_c   74.700
_cell.angle_alpha   82.02
_cell.angle_beta   76.28
_cell.angle_gamma   77.96
#
_symmetry.space_group_name_H-M   'P 1'
#
loop_
_entity.id
_entity.type
_entity.pdbx_description
1 polymer 'HLA CLASS I HISTOCOMPATIBILITY ANTIGEN, A-2 ALPHA CHAIN'
2 polymer BETA-2-MICROGLOBULIN
3 polymer '9 RESIDUE PEPTIDE'
#
loop_
_entity_poly.entity_id
_entity_poly.type
_entity_poly.pdbx_seq_one_letter_code
_entity_poly.pdbx_strand_id
1 'polypeptide(L)'
;GSHSMRYFFTSVSRPGRGEPRFIAVGYVDDTQFVRFDSDAASQRMEPRAPWIEQEGPEYWDGETRKVKAHSQTHRVDLGT
LRGYYNQSEAGSHTVQRMYGCDVGSDWRFLRGYHQYAYDGKDYIALKEDLRSWTAADMAAQTTKHKWEAAHVAEQLRAYL
EGTCVEWLRRYLENGKETLQRTDAPKTHMTHHAVSDHEATLRCWALSFYPAEITLTWQRDGEDQTQDTELVETRPAGDGT
FQKWAAVVVPSGQEQRYTCHVQHEGLPKPLTLRWE
;
A,D
2 'polypeptide(L)'
;MIQRTPKIQVYSRHPAENGKSNFLNCYVSGFHPSDIEVDLLKNGERIEKVEHSDLSFSKDWSFYLLYYTEFTPTEKDEYA
CRVNHVTLSQPKIVKWDRDM
;
B,E
3 'polypeptide(L)' ALWGVFPVL C,F
#
# COMPACT_ATOMS: atom_id res chain seq x y z
N GLY A 1 14.73 -33.38 -37.74
CA GLY A 1 15.04 -32.93 -36.35
C GLY A 1 13.84 -33.02 -35.43
N SER A 2 14.08 -32.90 -34.14
CA SER A 2 13.01 -32.98 -33.16
C SER A 2 12.13 -31.73 -33.21
N HIS A 3 10.91 -31.83 -32.69
CA HIS A 3 9.98 -30.71 -32.68
C HIS A 3 9.28 -30.62 -31.35
N SER A 4 8.60 -29.51 -31.13
CA SER A 4 7.88 -29.33 -29.88
C SER A 4 6.71 -28.38 -30.02
N MET A 5 5.79 -28.48 -29.06
CA MET A 5 4.62 -27.63 -29.01
C MET A 5 4.58 -27.09 -27.58
N ARG A 6 4.60 -25.77 -27.44
CA ARG A 6 4.56 -25.17 -26.11
C ARG A 6 3.46 -24.13 -25.99
N TYR A 7 2.90 -24.02 -24.79
CA TYR A 7 1.85 -23.05 -24.53
C TYR A 7 2.31 -22.15 -23.38
N PHE A 8 2.42 -20.87 -23.66
CA PHE A 8 2.85 -19.91 -22.66
C PHE A 8 1.65 -19.11 -22.18
N PHE A 9 1.48 -19.05 -20.86
CA PHE A 9 0.38 -18.34 -20.23
C PHE A 9 0.91 -17.32 -19.23
N THR A 10 0.40 -16.10 -19.31
CA THR A 10 0.82 -15.06 -18.38
C THR A 10 -0.39 -14.30 -17.86
N SER A 11 -0.50 -14.24 -16.53
CA SER A 11 -1.60 -13.53 -15.91
C SER A 11 -1.02 -12.53 -14.93
N VAL A 12 -1.50 -11.30 -15.00
CA VAL A 12 -1.00 -10.24 -14.14
C VAL A 12 -2.13 -9.49 -13.43
N SER A 13 -2.10 -9.47 -12.11
CA SER A 13 -3.13 -8.79 -11.35
C SER A 13 -2.89 -7.29 -11.36
N ARG A 14 -3.94 -6.54 -11.66
CA ARG A 14 -3.85 -5.09 -11.70
C ARG A 14 -4.87 -4.56 -10.73
N PRO A 15 -4.61 -4.75 -9.43
CA PRO A 15 -5.49 -4.32 -8.33
C PRO A 15 -6.06 -2.92 -8.54
N GLY A 16 -7.31 -2.73 -8.09
CA GLY A 16 -7.94 -1.44 -8.19
C GLY A 16 -8.24 -0.93 -9.58
N ARG A 17 -7.90 -1.69 -10.62
CA ARG A 17 -8.20 -1.22 -11.96
C ARG A 17 -8.62 -2.31 -12.94
N GLY A 18 -9.64 -3.07 -12.54
CA GLY A 18 -10.15 -4.12 -13.37
C GLY A 18 -9.72 -5.54 -13.05
N GLU A 19 -10.01 -6.45 -13.98
CA GLU A 19 -9.69 -7.87 -13.87
C GLU A 19 -8.22 -8.09 -14.30
N PRO A 20 -7.54 -9.09 -13.73
CA PRO A 20 -6.15 -9.29 -14.14
C PRO A 20 -6.00 -9.57 -15.62
N ARG A 21 -4.97 -8.98 -16.21
CA ARG A 21 -4.68 -9.14 -17.62
C ARG A 21 -4.13 -10.53 -17.86
N PHE A 22 -4.71 -11.23 -18.84
CA PHE A 22 -4.28 -12.59 -19.17
C PHE A 22 -3.86 -12.74 -20.63
N ILE A 23 -2.63 -13.17 -20.87
CA ILE A 23 -2.17 -13.36 -22.24
C ILE A 23 -1.82 -14.82 -22.43
N ALA A 24 -2.14 -15.34 -23.61
CA ALA A 24 -1.85 -16.73 -23.93
C ALA A 24 -1.33 -16.81 -25.34
N VAL A 25 -0.29 -17.63 -25.54
CA VAL A 25 0.30 -17.82 -26.85
C VAL A 25 0.74 -19.27 -26.95
N GLY A 26 0.93 -19.75 -28.17
CA GLY A 26 1.33 -21.13 -28.36
C GLY A 26 2.29 -21.31 -29.51
N TYR A 27 3.23 -22.23 -29.36
CA TYR A 27 4.23 -22.45 -30.39
C TYR A 27 4.40 -23.88 -30.85
N VAL A 28 4.98 -23.99 -32.03
CA VAL A 28 5.35 -25.24 -32.64
C VAL A 28 6.74 -24.81 -33.03
N ASP A 29 7.74 -25.42 -32.41
CA ASP A 29 9.10 -25.03 -32.65
C ASP A 29 9.14 -23.51 -32.40
N ASP A 30 9.83 -22.77 -33.26
CA ASP A 30 9.93 -21.33 -33.05
C ASP A 30 8.88 -20.48 -33.76
N THR A 31 7.78 -21.12 -34.17
CA THR A 31 6.73 -20.40 -34.85
C THR A 31 5.48 -20.29 -33.97
N GLN A 32 5.02 -19.07 -33.73
CA GLN A 32 3.81 -18.88 -32.93
C GLN A 32 2.61 -19.13 -33.82
N PHE A 33 1.61 -19.88 -33.36
CA PHE A 33 0.46 -20.11 -34.22
C PHE A 33 -0.87 -19.54 -33.72
N VAL A 34 -1.03 -19.39 -32.41
CA VAL A 34 -2.27 -18.85 -31.87
C VAL A 34 -2.06 -17.94 -30.66
N ARG A 35 -3.05 -17.12 -30.34
CA ARG A 35 -2.94 -16.24 -29.19
C ARG A 35 -4.30 -15.84 -28.69
N PHE A 36 -4.33 -15.41 -27.43
CA PHE A 36 -5.55 -14.97 -26.80
C PHE A 36 -5.15 -13.88 -25.83
N ASP A 37 -5.91 -12.78 -25.84
CA ASP A 37 -5.64 -11.63 -24.99
C ASP A 37 -6.92 -11.18 -24.30
N SER A 38 -6.95 -11.26 -22.97
CA SER A 38 -8.13 -10.86 -22.19
C SER A 38 -8.60 -9.42 -22.47
N ASP A 39 -7.68 -8.55 -22.85
CA ASP A 39 -8.04 -7.16 -23.13
C ASP A 39 -8.45 -6.93 -24.58
N ALA A 40 -8.34 -7.96 -25.41
CA ALA A 40 -8.69 -7.84 -26.82
C ALA A 40 -10.20 -7.84 -26.99
N ALA A 41 -10.64 -7.40 -28.17
CA ALA A 41 -12.07 -7.31 -28.45
C ALA A 41 -12.73 -8.66 -28.74
N SER A 42 -12.08 -9.48 -29.56
CA SER A 42 -12.61 -10.78 -29.95
C SER A 42 -12.97 -11.74 -28.82
N GLN A 43 -12.18 -11.74 -27.75
CA GLN A 43 -12.44 -12.66 -26.65
C GLN A 43 -12.47 -14.02 -27.29
N ARG A 44 -11.47 -14.30 -28.13
CA ARG A 44 -11.36 -15.55 -28.85
C ARG A 44 -9.93 -15.97 -29.15
N MET A 45 -9.72 -17.26 -29.26
CA MET A 45 -8.41 -17.75 -29.60
C MET A 45 -8.25 -17.30 -31.05
N GLU A 46 -7.16 -16.62 -31.37
CA GLU A 46 -6.95 -16.13 -32.73
C GLU A 46 -5.71 -16.77 -33.33
N PRO A 47 -5.70 -16.92 -34.66
CA PRO A 47 -4.55 -17.51 -35.33
C PRO A 47 -3.43 -16.48 -35.48
N ARG A 48 -2.18 -16.95 -35.44
CA ARG A 48 -1.03 -16.07 -35.62
C ARG A 48 -0.08 -16.66 -36.65
N ALA A 49 -0.52 -17.75 -37.29
CA ALA A 49 0.27 -18.39 -38.35
C ALA A 49 -0.69 -18.87 -39.44
N PRO A 50 -0.30 -18.70 -40.72
CA PRO A 50 -1.14 -19.12 -41.84
C PRO A 50 -1.69 -20.54 -41.75
N TRP A 51 -0.79 -21.51 -41.60
CA TRP A 51 -1.19 -22.91 -41.52
C TRP A 51 -2.15 -23.32 -40.40
N ILE A 52 -2.86 -22.40 -39.79
CA ILE A 52 -3.78 -22.80 -38.73
C ILE A 52 -5.14 -22.19 -39.04
N GLU A 53 -5.11 -21.14 -39.83
CA GLU A 53 -6.33 -20.46 -40.24
C GLU A 53 -7.28 -21.44 -40.91
N GLN A 54 -6.71 -22.50 -41.48
CA GLN A 54 -7.48 -23.55 -42.15
C GLN A 54 -8.46 -24.19 -41.17
N GLU A 55 -7.97 -24.54 -39.99
CA GLU A 55 -8.78 -25.16 -38.95
C GLU A 55 -10.16 -24.54 -38.92
N GLY A 56 -11.18 -25.38 -38.90
CA GLY A 56 -12.54 -24.86 -38.91
C GLY A 56 -13.04 -24.30 -37.59
N PRO A 57 -14.30 -23.87 -37.57
CA PRO A 57 -14.94 -23.29 -36.38
C PRO A 57 -14.96 -24.21 -35.15
N GLU A 58 -14.91 -25.51 -35.36
CA GLU A 58 -14.89 -26.43 -34.23
C GLU A 58 -13.61 -26.15 -33.43
N TYR A 59 -12.47 -26.19 -34.11
CA TYR A 59 -11.20 -25.92 -33.49
C TYR A 59 -11.22 -24.58 -32.74
N TRP A 60 -11.61 -23.52 -33.45
CA TRP A 60 -11.65 -22.19 -32.85
C TRP A 60 -12.63 -22.02 -31.71
N ASP A 61 -13.75 -22.74 -31.77
CA ASP A 61 -14.73 -22.63 -30.71
C ASP A 61 -14.22 -23.42 -29.51
N GLY A 62 -13.56 -24.55 -29.80
CA GLY A 62 -13.03 -25.36 -28.73
C GLY A 62 -11.87 -24.68 -28.01
N GLU A 63 -10.92 -24.16 -28.78
CA GLU A 63 -9.78 -23.51 -28.16
C GLU A 63 -10.17 -22.21 -27.44
N THR A 64 -11.21 -21.55 -27.95
CA THR A 64 -11.69 -20.30 -27.34
C THR A 64 -12.34 -20.67 -26.01
N ARG A 65 -12.92 -21.86 -26.00
CA ARG A 65 -13.58 -22.40 -24.82
C ARG A 65 -12.52 -22.77 -23.77
N LYS A 66 -11.52 -23.54 -24.19
CA LYS A 66 -10.46 -23.95 -23.28
C LYS A 66 -9.61 -22.78 -22.79
N VAL A 67 -9.22 -21.90 -23.71
CA VAL A 67 -8.39 -20.75 -23.38
C VAL A 67 -9.06 -19.84 -22.36
N LYS A 68 -10.37 -19.67 -22.47
CA LYS A 68 -11.09 -18.84 -21.52
C LYS A 68 -11.02 -19.49 -20.15
N ALA A 69 -11.21 -20.79 -20.10
CA ALA A 69 -11.15 -21.54 -18.85
C ALA A 69 -9.79 -21.31 -18.20
N HIS A 70 -8.71 -21.46 -18.97
CA HIS A 70 -7.36 -21.23 -18.44
C HIS A 70 -7.32 -19.84 -17.79
N SER A 71 -7.73 -18.84 -18.54
CA SER A 71 -7.74 -17.47 -18.04
C SER A 71 -8.41 -17.37 -16.69
N GLN A 72 -9.60 -17.93 -16.58
CA GLN A 72 -10.31 -17.87 -15.33
C GLN A 72 -9.47 -18.57 -14.27
N THR A 73 -8.94 -19.73 -14.63
CA THR A 73 -8.11 -20.51 -13.73
C THR A 73 -6.97 -19.70 -13.13
N HIS A 74 -6.22 -19.02 -13.99
CA HIS A 74 -5.11 -18.25 -13.47
C HIS A 74 -5.59 -16.95 -12.87
N ARG A 75 -6.87 -16.64 -13.06
CA ARG A 75 -7.45 -15.45 -12.48
C ARG A 75 -7.67 -15.79 -11.02
N VAL A 76 -7.97 -17.05 -10.77
CA VAL A 76 -8.18 -17.55 -9.42
C VAL A 76 -6.82 -17.81 -8.77
N ASP A 77 -5.89 -18.34 -9.55
CA ASP A 77 -4.55 -18.64 -9.05
C ASP A 77 -3.96 -17.47 -8.33
N LEU A 78 -4.16 -16.28 -8.89
CA LEU A 78 -3.63 -15.05 -8.30
C LEU A 78 -4.20 -14.90 -6.91
N GLY A 79 -5.49 -15.18 -6.79
CA GLY A 79 -6.12 -15.09 -5.48
C GLY A 79 -5.43 -16.05 -4.53
N THR A 80 -5.54 -17.34 -4.82
CA THR A 80 -4.94 -18.38 -4.01
C THR A 80 -3.54 -18.03 -3.52
N LEU A 81 -2.59 -17.84 -4.45
CA LEU A 81 -1.22 -17.52 -4.07
C LEU A 81 -1.12 -16.30 -3.18
N ARG A 82 -1.94 -15.29 -3.48
CA ARG A 82 -1.99 -14.05 -2.71
C ARG A 82 -2.24 -14.39 -1.25
N GLY A 83 -3.01 -15.45 -1.02
CA GLY A 83 -3.30 -15.90 0.32
C GLY A 83 -2.20 -16.81 0.85
N TYR A 84 -1.68 -17.69 -0.01
CA TYR A 84 -0.62 -18.61 0.38
C TYR A 84 0.58 -17.85 0.93
N TYR A 85 0.69 -16.58 0.59
CA TYR A 85 1.84 -15.81 1.04
C TYR A 85 1.45 -14.58 1.84
N ASN A 86 0.18 -14.51 2.27
CA ASN A 86 -0.31 -13.36 3.03
C ASN A 86 0.19 -12.09 2.38
N GLN A 87 -0.21 -11.87 1.13
CA GLN A 87 0.25 -10.70 0.41
C GLN A 87 -0.81 -9.62 0.32
N SER A 88 -0.36 -8.38 0.34
CA SER A 88 -1.24 -7.23 0.23
C SER A 88 -2.00 -7.32 -1.07
N GLU A 89 -3.32 -7.18 -1.01
CA GLU A 89 -4.11 -7.24 -2.23
C GLU A 89 -3.96 -5.95 -3.01
N ALA A 90 -3.07 -5.08 -2.54
CA ALA A 90 -2.86 -3.82 -3.23
C ALA A 90 -1.85 -4.01 -4.37
N GLY A 91 -0.85 -4.83 -4.11
CA GLY A 91 0.17 -5.06 -5.12
C GLY A 91 -0.25 -5.95 -6.27
N SER A 92 0.40 -5.70 -7.41
CA SER A 92 0.16 -6.47 -8.63
C SER A 92 1.14 -7.64 -8.63
N HIS A 93 0.67 -8.79 -9.10
CA HIS A 93 1.51 -9.97 -9.15
C HIS A 93 1.44 -10.66 -10.49
N THR A 94 2.31 -11.65 -10.67
CA THR A 94 2.33 -12.37 -11.92
C THR A 94 2.34 -13.88 -11.73
N VAL A 95 1.70 -14.56 -12.67
CA VAL A 95 1.61 -16.00 -12.66
C VAL A 95 1.95 -16.39 -14.07
N GLN A 96 2.86 -17.35 -14.23
CA GLN A 96 3.23 -17.82 -15.55
C GLN A 96 3.12 -19.33 -15.59
N ARG A 97 2.55 -19.85 -16.68
CA ARG A 97 2.38 -21.29 -16.82
C ARG A 97 2.87 -21.66 -18.20
N MET A 98 3.60 -22.77 -18.29
CA MET A 98 4.10 -23.21 -19.58
C MET A 98 4.08 -24.73 -19.64
N TYR A 99 3.25 -25.28 -20.52
CA TYR A 99 3.21 -26.73 -20.67
C TYR A 99 3.29 -27.11 -22.13
N GLY A 100 3.80 -28.32 -22.40
CA GLY A 100 3.94 -28.78 -23.76
C GLY A 100 4.67 -30.12 -23.89
N CYS A 101 4.95 -30.52 -25.12
CA CYS A 101 5.62 -31.77 -25.39
C CYS A 101 6.70 -31.68 -26.47
N ASP A 102 7.69 -32.57 -26.38
CA ASP A 102 8.79 -32.66 -27.33
C ASP A 102 8.76 -34.03 -28.01
N VAL A 103 9.11 -34.08 -29.30
CA VAL A 103 9.17 -35.36 -30.01
C VAL A 103 10.51 -35.40 -30.70
N GLY A 104 11.03 -36.60 -30.91
CA GLY A 104 12.31 -36.72 -31.58
C GLY A 104 12.09 -36.63 -33.08
N SER A 105 13.16 -36.85 -33.83
CA SER A 105 13.09 -36.81 -35.29
C SER A 105 12.04 -37.81 -35.75
N ASP A 106 11.84 -38.83 -34.93
CA ASP A 106 10.88 -39.90 -35.21
C ASP A 106 9.43 -39.45 -34.95
N TRP A 107 9.27 -38.22 -34.50
CA TRP A 107 7.94 -37.66 -34.19
C TRP A 107 7.24 -38.44 -33.08
N ARG A 108 8.03 -39.11 -32.26
CA ARG A 108 7.50 -39.89 -31.14
C ARG A 108 7.72 -39.10 -29.85
N PHE A 109 6.84 -39.28 -28.86
CA PHE A 109 6.98 -38.55 -27.60
C PHE A 109 8.39 -38.67 -27.04
N LEU A 110 8.95 -37.53 -26.62
CA LEU A 110 10.32 -37.49 -26.09
C LEU A 110 10.44 -36.86 -24.68
N ARG A 111 9.38 -36.17 -24.23
CA ARG A 111 9.32 -35.54 -22.90
C ARG A 111 8.32 -34.40 -22.90
N GLY A 112 7.62 -34.22 -21.79
CA GLY A 112 6.63 -33.16 -21.68
C GLY A 112 6.89 -32.23 -20.52
N TYR A 113 6.15 -31.12 -20.47
CA TYR A 113 6.34 -30.17 -19.40
C TYR A 113 5.03 -29.67 -18.82
N HIS A 114 5.13 -28.85 -17.79
CA HIS A 114 3.99 -28.27 -17.09
C HIS A 114 4.61 -27.61 -15.86
N GLN A 115 5.03 -26.35 -16.01
CA GLN A 115 5.70 -25.60 -14.95
C GLN A 115 5.03 -24.25 -14.66
N TYR A 116 5.18 -23.79 -13.42
CA TYR A 116 4.62 -22.51 -13.00
C TYR A 116 5.72 -21.61 -12.42
N ALA A 117 5.36 -20.34 -12.20
CA ALA A 117 6.30 -19.38 -11.62
C ALA A 117 5.49 -18.20 -11.12
N TYR A 118 5.67 -17.88 -9.83
CA TYR A 118 4.97 -16.76 -9.23
C TYR A 118 5.97 -15.63 -9.09
N ASP A 119 5.62 -14.48 -9.65
CA ASP A 119 6.48 -13.31 -9.64
C ASP A 119 7.90 -13.66 -10.06
N GLY A 120 8.02 -14.49 -11.08
CA GLY A 120 9.34 -14.86 -11.58
C GLY A 120 10.08 -16.01 -10.91
N LYS A 121 9.58 -16.53 -9.79
CA LYS A 121 10.28 -17.63 -9.14
C LYS A 121 9.57 -18.96 -9.42
N ASP A 122 10.36 -19.99 -9.76
CA ASP A 122 9.80 -21.32 -10.00
C ASP A 122 8.85 -21.66 -8.87
N TYR A 123 7.62 -22.01 -9.21
CA TYR A 123 6.65 -22.35 -8.19
C TYR A 123 6.51 -23.86 -8.14
N ILE A 124 5.93 -24.43 -9.17
CA ILE A 124 5.76 -25.88 -9.22
C ILE A 124 5.96 -26.38 -10.62
N ALA A 125 6.60 -27.55 -10.74
CA ALA A 125 6.89 -28.15 -12.04
C ALA A 125 6.76 -29.66 -12.02
N LEU A 126 6.35 -30.21 -13.15
CA LEU A 126 6.22 -31.64 -13.30
C LEU A 126 7.59 -32.22 -13.58
N LYS A 127 7.95 -33.31 -12.91
CA LYS A 127 9.25 -33.91 -13.14
C LYS A 127 9.21 -34.71 -14.43
N GLU A 128 10.37 -35.23 -14.86
CA GLU A 128 10.44 -35.99 -16.08
C GLU A 128 9.57 -37.23 -16.09
N ASP A 129 9.57 -37.96 -14.99
CA ASP A 129 8.77 -39.17 -14.88
C ASP A 129 7.31 -38.90 -15.16
N LEU A 130 6.93 -37.62 -15.24
CA LEU A 130 5.56 -37.27 -15.51
C LEU A 130 4.65 -37.90 -14.46
N ARG A 131 5.25 -38.28 -13.34
CA ARG A 131 4.49 -38.91 -12.29
C ARG A 131 4.67 -38.22 -10.93
N SER A 132 5.56 -37.25 -10.86
CA SER A 132 5.79 -36.54 -9.60
C SER A 132 5.99 -35.04 -9.80
N TRP A 133 6.05 -34.30 -8.70
CA TRP A 133 6.21 -32.85 -8.77
C TRP A 133 7.31 -32.25 -7.92
N THR A 134 7.77 -31.08 -8.34
CA THR A 134 8.80 -30.35 -7.64
C THR A 134 8.21 -29.10 -7.00
N ALA A 135 7.98 -29.16 -5.68
CA ALA A 135 7.45 -28.02 -4.96
C ALA A 135 8.68 -27.28 -4.46
N ALA A 136 8.64 -25.95 -4.55
CA ALA A 136 9.76 -25.13 -4.13
C ALA A 136 9.67 -24.83 -2.64
N ASP A 137 8.55 -24.25 -2.22
CA ASP A 137 8.34 -23.89 -0.82
C ASP A 137 7.11 -24.58 -0.23
N MET A 138 6.70 -24.12 0.94
CA MET A 138 5.54 -24.68 1.62
C MET A 138 4.30 -24.44 0.77
N ALA A 139 4.23 -23.26 0.14
CA ALA A 139 3.10 -22.90 -0.71
C ALA A 139 2.99 -23.89 -1.85
N ALA A 140 4.05 -24.00 -2.64
CA ALA A 140 4.05 -24.94 -3.75
C ALA A 140 3.77 -26.35 -3.22
N GLN A 141 4.27 -26.65 -2.02
CA GLN A 141 4.06 -27.96 -1.46
C GLN A 141 2.57 -28.20 -1.23
N THR A 142 1.88 -27.19 -0.73
CA THR A 142 0.44 -27.30 -0.50
C THR A 142 -0.32 -27.51 -1.80
N THR A 143 0.18 -26.91 -2.88
CA THR A 143 -0.46 -27.09 -4.17
C THR A 143 -0.16 -28.50 -4.64
N LYS A 144 1.09 -28.92 -4.43
CA LYS A 144 1.50 -30.27 -4.83
C LYS A 144 0.57 -31.28 -4.17
N HIS A 145 0.20 -31.01 -2.93
CA HIS A 145 -0.69 -31.89 -2.19
C HIS A 145 -2.02 -31.99 -2.92
N LYS A 146 -2.63 -30.84 -3.19
CA LYS A 146 -3.91 -30.84 -3.89
C LYS A 146 -3.84 -31.63 -5.19
N TRP A 147 -2.84 -31.32 -6.00
CA TRP A 147 -2.68 -31.99 -7.27
C TRP A 147 -2.43 -33.49 -7.12
N GLU A 148 -1.98 -33.90 -5.94
CA GLU A 148 -1.71 -35.32 -5.69
C GLU A 148 -3.02 -36.08 -5.47
N ALA A 149 -3.92 -35.50 -4.68
CA ALA A 149 -5.20 -36.13 -4.42
C ALA A 149 -5.99 -36.12 -5.71
N ALA A 150 -6.12 -34.94 -6.31
CA ALA A 150 -6.86 -34.76 -7.55
C ALA A 150 -6.31 -35.61 -8.70
N HIS A 151 -5.18 -36.28 -8.47
CA HIS A 151 -4.53 -37.12 -9.48
C HIS A 151 -4.28 -36.37 -10.76
N VAL A 152 -3.86 -35.11 -10.62
CA VAL A 152 -3.57 -34.24 -11.75
C VAL A 152 -2.48 -34.77 -12.66
N ALA A 153 -1.38 -35.25 -12.07
CA ALA A 153 -0.25 -35.76 -12.85
C ALA A 153 -0.66 -36.80 -13.88
N GLU A 154 -1.40 -37.81 -13.44
CA GLU A 154 -1.81 -38.86 -14.36
C GLU A 154 -2.53 -38.28 -15.54
N GLN A 155 -3.44 -37.35 -15.28
CA GLN A 155 -4.22 -36.75 -16.35
C GLN A 155 -3.32 -35.99 -17.30
N LEU A 156 -2.47 -35.16 -16.71
CA LEU A 156 -1.55 -34.37 -17.50
C LEU A 156 -0.67 -35.29 -18.36
N ARG A 157 -0.36 -36.47 -17.85
CA ARG A 157 0.46 -37.45 -18.55
C ARG A 157 -0.19 -37.89 -19.87
N ALA A 158 -1.49 -38.16 -19.81
CA ALA A 158 -2.24 -38.58 -20.98
C ALA A 158 -2.17 -37.48 -22.03
N TYR A 159 -2.39 -36.26 -21.60
CA TYR A 159 -2.33 -35.11 -22.49
C TYR A 159 -0.97 -35.00 -23.15
N LEU A 160 0.08 -35.02 -22.33
CA LEU A 160 1.44 -34.89 -22.83
C LEU A 160 1.93 -36.00 -23.76
N GLU A 161 1.72 -37.24 -23.40
CA GLU A 161 2.19 -38.35 -24.22
C GLU A 161 1.18 -38.71 -25.32
N GLY A 162 -0.01 -38.14 -25.22
CA GLY A 162 -1.03 -38.42 -26.22
C GLY A 162 -1.42 -37.22 -27.05
N THR A 163 -2.61 -36.70 -26.77
CA THR A 163 -3.16 -35.54 -27.45
C THR A 163 -2.09 -34.54 -27.88
N CYS A 164 -1.24 -34.14 -26.94
CA CYS A 164 -0.21 -33.17 -27.24
C CYS A 164 0.61 -33.58 -28.46
N VAL A 165 1.22 -34.76 -28.40
CA VAL A 165 2.03 -35.24 -29.50
C VAL A 165 1.24 -35.27 -30.80
N GLU A 166 0.04 -35.82 -30.73
CA GLU A 166 -0.79 -35.96 -31.91
C GLU A 166 -1.11 -34.64 -32.61
N TRP A 167 -1.26 -33.55 -31.85
CA TRP A 167 -1.54 -32.27 -32.48
C TRP A 167 -0.27 -31.70 -33.09
N LEU A 168 0.84 -31.92 -32.41
CA LEU A 168 2.13 -31.43 -32.90
C LEU A 168 2.27 -32.02 -34.28
N ARG A 169 2.19 -33.35 -34.35
CA ARG A 169 2.32 -34.03 -35.62
C ARG A 169 1.37 -33.45 -36.66
N ARG A 170 0.09 -33.31 -36.31
CA ARG A 170 -0.89 -32.75 -37.24
C ARG A 170 -0.43 -31.39 -37.75
N TYR A 171 -0.15 -30.48 -36.82
CA TYR A 171 0.34 -29.17 -37.19
C TYR A 171 1.59 -29.31 -38.05
N LEU A 172 2.48 -30.22 -37.67
CA LEU A 172 3.68 -30.43 -38.44
C LEU A 172 3.36 -30.73 -39.89
N GLU A 173 2.36 -31.57 -40.12
CA GLU A 173 1.95 -31.92 -41.47
C GLU A 173 1.30 -30.75 -42.17
N ASN A 174 0.21 -30.26 -41.61
CA ASN A 174 -0.53 -29.15 -42.17
C ASN A 174 0.31 -27.93 -42.42
N GLY A 175 1.50 -27.88 -41.83
CA GLY A 175 2.39 -26.74 -42.01
C GLY A 175 3.75 -27.11 -42.59
N LYS A 176 3.80 -28.23 -43.31
CA LYS A 176 5.05 -28.69 -43.90
C LYS A 176 5.94 -27.57 -44.43
N GLU A 177 5.40 -26.74 -45.31
CA GLU A 177 6.14 -25.64 -45.92
C GLU A 177 6.84 -24.70 -44.94
N THR A 178 6.23 -24.50 -43.79
CA THR A 178 6.81 -23.63 -42.78
C THR A 178 7.51 -24.46 -41.69
N LEU A 179 6.72 -25.04 -40.80
CA LEU A 179 7.24 -25.83 -39.70
C LEU A 179 8.37 -26.80 -40.07
N GLN A 180 8.24 -27.47 -41.21
CA GLN A 180 9.26 -28.45 -41.63
C GLN A 180 10.27 -27.87 -42.58
N ARG A 181 10.40 -26.55 -42.60
CA ARG A 181 11.37 -25.92 -43.48
C ARG A 181 12.67 -25.69 -42.73
N THR A 182 13.67 -25.26 -43.45
CA THR A 182 14.94 -24.96 -42.87
C THR A 182 15.62 -23.96 -43.72
N ASP A 183 16.23 -23.03 -43.06
CA ASP A 183 16.87 -22.05 -43.86
C ASP A 183 18.23 -21.84 -43.29
N ALA A 184 19.24 -22.38 -43.97
CA ALA A 184 20.61 -22.21 -43.52
C ALA A 184 20.82 -20.71 -43.46
N PRO A 185 21.59 -20.23 -42.49
CA PRO A 185 21.84 -18.80 -42.37
C PRO A 185 22.61 -18.22 -43.54
N LYS A 186 22.40 -16.93 -43.77
CA LYS A 186 23.11 -16.20 -44.82
C LYS A 186 24.19 -15.48 -44.05
N THR A 187 25.38 -16.02 -44.11
CA THR A 187 26.51 -15.48 -43.38
C THR A 187 27.42 -14.54 -44.15
N HIS A 188 27.75 -13.41 -43.54
CA HIS A 188 28.67 -12.46 -44.15
C HIS A 188 29.54 -11.79 -43.07
N MET A 189 30.60 -11.12 -43.48
CA MET A 189 31.51 -10.51 -42.52
C MET A 189 31.73 -9.01 -42.75
N THR A 190 31.74 -8.24 -41.67
CA THR A 190 31.94 -6.79 -41.77
C THR A 190 33.20 -6.42 -41.01
N HIS A 191 33.91 -5.43 -41.52
CA HIS A 191 35.16 -4.99 -40.93
C HIS A 191 35.19 -3.47 -40.83
N HIS A 192 35.08 -2.93 -39.61
CA HIS A 192 35.16 -1.48 -39.44
C HIS A 192 36.21 -1.15 -38.40
N ALA A 193 37.17 -0.32 -38.79
CA ALA A 193 38.26 0.09 -37.90
C ALA A 193 37.80 0.93 -36.73
N VAL A 194 38.22 0.57 -35.52
CA VAL A 194 37.83 1.35 -34.35
C VAL A 194 38.81 2.48 -34.18
N SER A 195 40.06 2.19 -34.51
CA SER A 195 41.15 3.16 -34.39
C SER A 195 42.25 2.85 -35.36
N ASP A 196 43.33 3.63 -35.31
CA ASP A 196 44.45 3.42 -36.21
C ASP A 196 45.28 2.20 -35.84
N HIS A 197 44.81 1.41 -34.87
CA HIS A 197 45.51 0.20 -34.45
C HIS A 197 44.58 -0.96 -34.08
N GLU A 198 43.30 -0.83 -34.41
CA GLU A 198 42.34 -1.89 -34.10
C GLU A 198 41.17 -1.89 -35.07
N ALA A 199 40.52 -3.04 -35.20
CA ALA A 199 39.37 -3.15 -36.07
C ALA A 199 38.33 -4.12 -35.51
N THR A 200 37.06 -3.87 -35.79
CA THR A 200 36.02 -4.76 -35.31
C THR A 200 35.65 -5.77 -36.39
N LEU A 201 35.54 -7.02 -36.00
CA LEU A 201 35.16 -8.08 -36.93
C LEU A 201 33.77 -8.59 -36.57
N ARG A 202 32.80 -8.35 -37.44
CA ARG A 202 31.43 -8.83 -37.19
C ARG A 202 31.07 -9.98 -38.13
N CYS A 203 30.62 -11.07 -37.54
CA CYS A 203 30.23 -12.24 -38.31
C CYS A 203 28.72 -12.31 -38.26
N TRP A 204 28.08 -12.27 -39.42
CA TRP A 204 26.63 -12.32 -39.47
C TRP A 204 25.97 -13.65 -39.90
N ALA A 205 24.87 -13.99 -39.24
CA ALA A 205 24.08 -15.19 -39.55
C ALA A 205 22.64 -14.68 -39.67
N LEU A 206 22.19 -14.49 -40.91
CA LEU A 206 20.83 -13.97 -41.18
C LEU A 206 19.84 -14.90 -41.87
N SER A 207 18.56 -14.54 -41.72
CA SER A 207 17.43 -15.26 -42.31
C SER A 207 17.50 -16.77 -42.12
N PHE A 208 17.63 -17.23 -40.88
CA PHE A 208 17.71 -18.67 -40.64
C PHE A 208 16.57 -19.21 -39.80
N TYR A 209 16.32 -20.51 -39.95
CA TYR A 209 15.25 -21.20 -39.21
C TYR A 209 15.57 -22.69 -39.10
N PRO A 210 15.38 -23.29 -37.92
CA PRO A 210 14.89 -22.68 -36.68
C PRO A 210 15.94 -21.79 -36.01
N ALA A 211 15.61 -21.26 -34.84
CA ALA A 211 16.49 -20.38 -34.09
C ALA A 211 17.78 -20.98 -33.55
N GLU A 212 17.82 -22.29 -33.34
CA GLU A 212 19.03 -22.94 -32.83
C GLU A 212 20.23 -22.61 -33.69
N ILE A 213 21.29 -22.12 -33.08
CA ILE A 213 22.48 -21.78 -33.87
C ILE A 213 23.70 -21.60 -32.99
N THR A 214 24.86 -21.75 -33.61
CA THR A 214 26.12 -21.59 -32.91
C THR A 214 27.03 -20.75 -33.76
N LEU A 215 27.29 -19.54 -33.29
CA LEU A 215 28.13 -18.60 -34.00
C LEU A 215 29.35 -18.41 -33.11
N THR A 216 30.52 -18.81 -33.60
CA THR A 216 31.73 -18.72 -32.81
C THR A 216 32.93 -18.08 -33.48
N TRP A 217 33.75 -17.41 -32.69
CA TRP A 217 34.97 -16.78 -33.18
C TRP A 217 36.18 -17.53 -32.66
N GLN A 218 37.22 -17.62 -33.48
CA GLN A 218 38.43 -18.35 -33.12
C GLN A 218 39.70 -17.68 -33.64
N ARG A 219 40.74 -17.64 -32.78
CA ARG A 219 42.01 -17.07 -33.19
C ARG A 219 43.00 -18.23 -33.27
N ASP A 220 43.60 -18.41 -34.44
CA ASP A 220 44.54 -19.50 -34.68
C ASP A 220 43.98 -20.83 -34.23
N GLY A 221 42.66 -20.99 -34.35
CA GLY A 221 42.03 -22.23 -33.96
C GLY A 221 41.49 -22.29 -32.55
N GLU A 222 41.95 -21.39 -31.68
CA GLU A 222 41.49 -21.39 -30.30
C GLU A 222 40.24 -20.54 -30.19
N ASP A 223 39.28 -21.03 -29.42
CA ASP A 223 38.04 -20.29 -29.24
C ASP A 223 38.35 -19.00 -28.52
N GLN A 224 37.81 -17.91 -29.05
CA GLN A 224 38.02 -16.59 -28.49
C GLN A 224 36.84 -16.28 -27.60
N THR A 225 36.17 -17.33 -27.14
CA THR A 225 35.00 -17.20 -26.28
C THR A 225 34.89 -15.89 -25.49
N GLN A 226 35.66 -15.78 -24.43
CA GLN A 226 35.62 -14.62 -23.54
C GLN A 226 35.92 -13.25 -24.13
N ASP A 227 36.24 -13.19 -25.41
CA ASP A 227 36.54 -11.93 -26.05
C ASP A 227 35.58 -11.68 -27.20
N THR A 228 34.44 -12.34 -27.16
CA THR A 228 33.48 -12.21 -28.23
C THR A 228 32.22 -11.51 -27.78
N GLU A 229 31.74 -10.64 -28.65
CA GLU A 229 30.50 -9.90 -28.43
C GLU A 229 29.50 -10.80 -29.14
N LEU A 230 28.56 -11.34 -28.39
CA LEU A 230 27.58 -12.24 -28.96
C LEU A 230 26.16 -11.82 -28.59
N VAL A 231 25.44 -11.22 -29.53
CA VAL A 231 24.06 -10.80 -29.23
C VAL A 231 23.13 -12.00 -29.18
N GLU A 232 21.95 -11.80 -28.60
CA GLU A 232 20.95 -12.85 -28.51
C GLU A 232 20.32 -13.10 -29.89
N THR A 233 20.14 -14.37 -30.25
CA THR A 233 19.51 -14.69 -31.51
C THR A 233 18.20 -13.91 -31.54
N ARG A 234 18.01 -13.05 -32.54
CA ARG A 234 16.77 -12.27 -32.61
C ARG A 234 15.90 -12.57 -33.81
N PRO A 235 14.62 -12.19 -33.73
CA PRO A 235 13.66 -12.42 -34.82
C PRO A 235 13.69 -11.31 -35.87
N ALA A 236 13.74 -11.71 -37.14
CA ALA A 236 13.74 -10.75 -38.24
C ALA A 236 12.35 -10.11 -38.29
N GLY A 237 11.36 -10.87 -37.83
CA GLY A 237 9.99 -10.41 -37.83
C GLY A 237 9.23 -11.04 -38.98
N ASP A 238 9.96 -11.72 -39.86
CA ASP A 238 9.38 -12.37 -41.03
C ASP A 238 9.34 -13.88 -40.88
N GLY A 239 9.56 -14.37 -39.67
CA GLY A 239 9.54 -15.79 -39.44
C GLY A 239 10.93 -16.38 -39.34
N THR A 240 11.94 -15.62 -39.74
CA THR A 240 13.31 -16.10 -39.63
C THR A 240 14.04 -15.36 -38.52
N PHE A 241 15.20 -15.86 -38.14
CA PHE A 241 15.99 -15.28 -37.07
C PHE A 241 17.36 -14.83 -37.55
N GLN A 242 17.96 -13.94 -36.77
CA GLN A 242 19.29 -13.38 -37.05
C GLN A 242 20.19 -13.51 -35.83
N LYS A 243 21.49 -13.28 -36.03
CA LYS A 243 22.46 -13.32 -34.94
C LYS A 243 23.84 -12.91 -35.42
N TRP A 244 24.61 -12.34 -34.51
CA TRP A 244 25.97 -11.97 -34.85
C TRP A 244 26.89 -11.98 -33.64
N ALA A 245 28.17 -12.14 -33.94
CA ALA A 245 29.22 -12.19 -32.92
C ALA A 245 30.37 -11.38 -33.45
N ALA A 246 30.99 -10.59 -32.60
CA ALA A 246 32.12 -9.78 -33.05
C ALA A 246 33.26 -9.79 -32.06
N VAL A 247 34.45 -9.52 -32.57
CA VAL A 247 35.65 -9.45 -31.74
C VAL A 247 36.47 -8.26 -32.18
N VAL A 248 37.17 -7.65 -31.22
CA VAL A 248 38.02 -6.52 -31.54
C VAL A 248 39.35 -7.14 -31.88
N VAL A 249 39.88 -6.74 -33.03
CA VAL A 249 41.12 -7.30 -33.50
C VAL A 249 42.25 -6.30 -33.70
N PRO A 250 43.47 -6.72 -33.35
CA PRO A 250 44.67 -5.87 -33.50
C PRO A 250 44.89 -5.72 -35.01
N SER A 251 44.76 -4.50 -35.53
CA SER A 251 44.96 -4.27 -36.96
C SER A 251 46.15 -5.08 -37.46
N GLY A 252 45.90 -5.87 -38.49
CA GLY A 252 46.95 -6.71 -39.05
C GLY A 252 46.82 -8.18 -38.72
N GLN A 253 45.92 -8.54 -37.80
CA GLN A 253 45.76 -9.95 -37.45
C GLN A 253 44.43 -10.55 -37.94
N GLU A 254 43.61 -9.75 -38.61
CA GLU A 254 42.31 -10.23 -39.09
C GLU A 254 42.34 -11.67 -39.61
N GLN A 255 43.42 -12.03 -40.27
CA GLN A 255 43.55 -13.36 -40.82
C GLN A 255 43.70 -14.45 -39.77
N ARG A 256 44.09 -14.09 -38.56
CA ARG A 256 44.25 -15.09 -37.51
C ARG A 256 42.89 -15.60 -37.04
N TYR A 257 41.89 -14.73 -37.15
CA TYR A 257 40.55 -15.04 -36.71
C TYR A 257 39.66 -15.71 -37.74
N THR A 258 38.81 -16.61 -37.25
CA THR A 258 37.87 -17.33 -38.10
C THR A 258 36.52 -17.41 -37.41
N CYS A 259 35.46 -17.28 -38.18
CA CYS A 259 34.13 -17.36 -37.61
C CYS A 259 33.59 -18.75 -37.92
N HIS A 260 32.90 -19.34 -36.94
CA HIS A 260 32.36 -20.67 -37.15
C HIS A 260 30.86 -20.63 -36.94
N VAL A 261 30.14 -21.18 -37.91
CA VAL A 261 28.69 -21.21 -37.90
C VAL A 261 28.18 -22.63 -37.89
N GLN A 262 27.21 -22.89 -37.03
CA GLN A 262 26.61 -24.21 -36.94
C GLN A 262 25.10 -24.10 -36.92
N HIS A 263 24.47 -24.69 -37.93
CA HIS A 263 23.02 -24.66 -38.04
C HIS A 263 22.49 -25.94 -38.65
N GLU A 264 21.36 -26.41 -38.13
CA GLU A 264 20.74 -27.64 -38.63
C GLU A 264 20.48 -27.62 -40.13
N GLY A 265 20.59 -26.44 -40.75
CA GLY A 265 20.34 -26.33 -42.16
C GLY A 265 21.59 -26.15 -43.02
N LEU A 266 22.74 -26.47 -42.45
CA LEU A 266 24.00 -26.36 -43.16
C LEU A 266 24.61 -27.76 -43.35
N PRO A 267 24.79 -28.18 -44.61
CA PRO A 267 25.35 -29.49 -44.99
C PRO A 267 26.52 -29.83 -44.10
N LYS A 268 27.36 -28.83 -43.86
CA LYS A 268 28.54 -28.94 -43.01
C LYS A 268 28.74 -27.58 -42.35
N PRO A 269 29.46 -27.54 -41.22
CA PRO A 269 29.70 -26.28 -40.51
C PRO A 269 30.49 -25.28 -41.33
N LEU A 270 30.13 -24.01 -41.22
CA LEU A 270 30.82 -22.96 -41.96
C LEU A 270 32.03 -22.41 -41.24
N THR A 271 33.01 -22.00 -42.03
CA THR A 271 34.23 -21.41 -41.53
C THR A 271 34.60 -20.24 -42.42
N LEU A 272 34.40 -19.03 -41.91
CA LEU A 272 34.72 -17.82 -42.64
C LEU A 272 36.00 -17.21 -42.05
N ARG A 273 36.72 -16.49 -42.91
CA ARG A 273 37.96 -15.85 -42.54
C ARG A 273 38.02 -14.52 -43.28
N TRP A 274 38.31 -13.42 -42.59
CA TRP A 274 38.39 -12.17 -43.30
C TRP A 274 39.61 -12.18 -44.22
N GLU A 275 39.41 -11.85 -45.49
CA GLU A 275 40.49 -11.81 -46.48
C GLU A 275 40.04 -11.56 -47.94
N MET B 1 10.50 -8.79 -4.87
CA MET B 1 10.20 -9.65 -6.05
C MET B 1 11.27 -9.52 -7.12
N ILE B 2 11.43 -10.57 -7.91
CA ILE B 2 12.41 -10.60 -8.98
C ILE B 2 12.26 -9.45 -9.98
N GLN B 3 13.39 -8.85 -10.33
CA GLN B 3 13.41 -7.76 -11.30
C GLN B 3 14.58 -7.90 -12.27
N ARG B 4 14.31 -8.53 -13.40
CA ARG B 4 15.32 -8.72 -14.43
C ARG B 4 15.23 -7.56 -15.40
N THR B 5 16.38 -7.02 -15.75
CA THR B 5 16.47 -5.90 -16.67
C THR B 5 16.55 -6.33 -18.14
N PRO B 6 15.74 -5.70 -19.00
CA PRO B 6 15.63 -5.94 -20.44
C PRO B 6 16.85 -5.73 -21.32
N LYS B 7 17.08 -6.69 -22.20
CA LYS B 7 18.17 -6.56 -23.14
C LYS B 7 17.51 -5.89 -24.34
N ILE B 8 18.14 -4.85 -24.84
CA ILE B 8 17.61 -4.10 -25.95
C ILE B 8 18.43 -4.30 -27.23
N GLN B 9 17.75 -4.64 -28.31
CA GLN B 9 18.40 -4.82 -29.60
C GLN B 9 17.60 -4.07 -30.67
N VAL B 10 18.22 -3.08 -31.29
CA VAL B 10 17.51 -2.34 -32.30
C VAL B 10 18.21 -2.64 -33.60
N TYR B 11 17.43 -3.13 -34.57
CA TYR B 11 17.95 -3.54 -35.86
C TYR B 11 16.86 -3.55 -36.92
N SER B 12 17.23 -3.96 -38.12
CA SER B 12 16.29 -4.03 -39.22
C SER B 12 16.17 -5.47 -39.74
N ARG B 13 15.02 -5.81 -40.27
CA ARG B 13 14.76 -7.15 -40.79
C ARG B 13 15.74 -7.49 -41.89
N HIS B 14 15.81 -6.62 -42.87
CA HIS B 14 16.69 -6.82 -44.01
C HIS B 14 17.82 -5.78 -43.92
N PRO B 15 18.96 -6.05 -44.55
CA PRO B 15 20.03 -5.04 -44.46
C PRO B 15 19.53 -3.71 -45.01
N ALA B 16 19.87 -2.63 -44.33
CA ALA B 16 19.46 -1.31 -44.75
C ALA B 16 20.09 -0.95 -46.09
N GLU B 17 19.29 -0.29 -46.94
CA GLU B 17 19.71 0.17 -48.26
C GLU B 17 18.90 1.44 -48.39
N ASN B 18 19.55 2.59 -48.29
CA ASN B 18 18.81 3.83 -48.38
C ASN B 18 17.92 3.84 -49.62
N GLY B 19 16.63 4.05 -49.41
CA GLY B 19 15.68 4.07 -50.51
C GLY B 19 14.75 2.87 -50.50
N LYS B 20 15.30 1.72 -50.16
CA LYS B 20 14.53 0.49 -50.12
C LYS B 20 13.72 0.29 -48.84
N SER B 21 12.50 -0.24 -49.00
CA SER B 21 11.59 -0.47 -47.88
C SER B 21 12.11 -1.54 -46.91
N ASN B 22 11.80 -1.37 -45.64
CA ASN B 22 12.26 -2.29 -44.61
C ASN B 22 11.34 -2.28 -43.41
N PHE B 23 11.80 -2.91 -42.34
CA PHE B 23 11.09 -2.98 -41.06
C PHE B 23 12.11 -2.67 -39.99
N LEU B 24 11.85 -1.66 -39.16
CA LEU B 24 12.78 -1.33 -38.09
C LEU B 24 12.34 -2.07 -36.84
N ASN B 25 13.23 -2.91 -36.32
CA ASN B 25 12.93 -3.70 -35.11
C ASN B 25 13.65 -3.23 -33.84
N CYS B 26 13.01 -3.50 -32.71
CA CYS B 26 13.59 -3.24 -31.40
C CYS B 26 13.15 -4.46 -30.61
N TYR B 27 14.09 -5.34 -30.31
CA TYR B 27 13.82 -6.57 -29.58
C TYR B 27 14.25 -6.43 -28.12
N VAL B 28 13.28 -6.54 -27.23
CA VAL B 28 13.54 -6.44 -25.79
C VAL B 28 13.38 -7.84 -25.20
N SER B 29 14.33 -8.27 -24.39
CA SER B 29 14.26 -9.60 -23.81
C SER B 29 14.86 -9.76 -22.43
N GLY B 30 14.51 -10.87 -21.78
CA GLY B 30 15.04 -11.19 -20.46
C GLY B 30 14.60 -10.32 -19.31
N PHE B 31 13.57 -9.50 -19.51
CA PHE B 31 13.11 -8.65 -18.44
C PHE B 31 12.02 -9.27 -17.58
N HIS B 32 11.75 -8.63 -16.45
CA HIS B 32 10.72 -9.10 -15.53
C HIS B 32 10.60 -8.11 -14.41
N PRO B 33 9.36 -7.69 -14.10
CA PRO B 33 8.10 -8.09 -14.75
C PRO B 33 7.92 -7.71 -16.22
N SER B 34 6.76 -8.02 -16.76
CA SER B 34 6.46 -7.77 -18.16
C SER B 34 6.04 -6.35 -18.47
N ASP B 35 5.67 -5.61 -17.45
CA ASP B 35 5.26 -4.24 -17.69
C ASP B 35 6.47 -3.54 -18.31
N ILE B 36 6.34 -3.05 -19.54
CA ILE B 36 7.47 -2.40 -20.19
C ILE B 36 7.09 -1.39 -21.29
N GLU B 37 7.81 -0.27 -21.33
CA GLU B 37 7.57 0.77 -22.33
C GLU B 37 8.59 0.71 -23.45
N VAL B 38 8.11 0.65 -24.69
CA VAL B 38 9.01 0.57 -25.83
C VAL B 38 8.57 1.51 -26.95
N ASP B 39 9.51 2.30 -27.44
CA ASP B 39 9.27 3.25 -28.51
C ASP B 39 10.37 3.28 -29.55
N LEU B 40 9.95 3.45 -30.80
CA LEU B 40 10.89 3.56 -31.91
C LEU B 40 10.87 5.02 -32.26
N LEU B 41 12.05 5.62 -32.38
CA LEU B 41 12.15 7.03 -32.69
C LEU B 41 12.81 7.32 -34.02
N LYS B 42 12.26 8.31 -34.72
CA LYS B 42 12.80 8.78 -35.99
C LYS B 42 13.26 10.20 -35.70
N ASN B 43 14.56 10.41 -35.74
CA ASN B 43 15.14 11.71 -35.44
C ASN B 43 14.60 12.27 -34.14
N GLY B 44 14.48 11.43 -33.12
CA GLY B 44 14.03 11.91 -31.82
C GLY B 44 12.53 11.86 -31.57
N GLU B 45 11.75 12.00 -32.63
CA GLU B 45 10.30 11.96 -32.49
C GLU B 45 9.80 10.52 -32.34
N ARG B 46 8.75 10.33 -31.55
CA ARG B 46 8.17 8.99 -31.35
C ARG B 46 7.41 8.57 -32.58
N ILE B 47 7.51 7.30 -32.96
CA ILE B 47 6.81 6.81 -34.13
C ILE B 47 5.44 6.21 -33.75
N GLU B 48 4.40 6.61 -34.46
CA GLU B 48 3.05 6.14 -34.16
C GLU B 48 2.73 4.68 -34.50
N LYS B 49 2.62 4.40 -35.79
CA LYS B 49 2.29 3.08 -36.29
C LYS B 49 3.38 2.08 -35.90
N VAL B 50 3.31 1.62 -34.66
CA VAL B 50 4.30 0.64 -34.18
C VAL B 50 3.62 -0.50 -33.44
N GLU B 51 3.79 -1.72 -33.94
CA GLU B 51 3.18 -2.88 -33.34
C GLU B 51 4.18 -3.71 -32.55
N HIS B 52 3.67 -4.69 -31.83
CA HIS B 52 4.51 -5.55 -31.03
C HIS B 52 3.95 -6.98 -30.95
N SER B 53 4.86 -7.94 -30.92
CA SER B 53 4.49 -9.34 -30.83
C SER B 53 3.70 -9.59 -29.56
N ASP B 54 3.15 -10.80 -29.45
CA ASP B 54 2.37 -11.16 -28.28
C ASP B 54 3.25 -11.53 -27.11
N LEU B 55 2.90 -11.03 -25.94
CA LEU B 55 3.71 -11.30 -24.76
C LEU B 55 4.07 -12.77 -24.61
N SER B 56 5.37 -13.04 -24.54
CA SER B 56 5.84 -14.41 -24.38
C SER B 56 7.13 -14.44 -23.57
N PHE B 57 7.49 -15.61 -23.06
CA PHE B 57 8.71 -15.79 -22.27
C PHE B 57 9.51 -17.03 -22.64
N SER B 58 10.73 -17.11 -22.11
CA SER B 58 11.65 -18.21 -22.35
C SER B 58 11.68 -19.23 -21.19
N LYS B 59 12.61 -20.18 -21.24
CA LYS B 59 12.69 -21.22 -20.21
C LYS B 59 12.82 -20.71 -18.77
N ASP B 60 13.49 -19.57 -18.59
CA ASP B 60 13.67 -19.00 -17.25
C ASP B 60 12.59 -18.00 -16.84
N TRP B 61 11.48 -17.97 -17.58
CA TRP B 61 10.35 -17.07 -17.31
C TRP B 61 10.58 -15.59 -17.65
N SER B 62 11.75 -15.22 -18.13
CA SER B 62 11.93 -13.82 -18.47
C SER B 62 11.14 -13.57 -19.75
N PHE B 63 10.52 -12.39 -19.84
CA PHE B 63 9.71 -12.06 -21.01
C PHE B 63 10.50 -11.59 -22.21
N TYR B 64 9.80 -11.43 -23.34
CA TYR B 64 10.39 -10.96 -24.57
C TYR B 64 9.32 -10.55 -25.55
N LEU B 65 9.42 -9.33 -26.05
CA LEU B 65 8.47 -8.79 -27.02
C LEU B 65 9.24 -8.20 -28.20
N LEU B 66 8.63 -8.18 -29.37
CA LEU B 66 9.30 -7.57 -30.50
C LEU B 66 8.50 -6.33 -30.93
N TYR B 67 9.20 -5.20 -31.04
CA TYR B 67 8.55 -3.98 -31.46
C TYR B 67 9.10 -3.69 -32.81
N TYR B 68 8.21 -3.68 -33.79
CA TYR B 68 8.63 -3.44 -35.15
C TYR B 68 7.74 -2.37 -35.77
N THR B 69 8.14 -1.92 -36.95
CA THR B 69 7.41 -0.91 -37.69
C THR B 69 8.04 -0.83 -39.06
N GLU B 70 7.22 -0.45 -40.05
CA GLU B 70 7.69 -0.31 -41.43
C GLU B 70 8.41 1.02 -41.59
N PHE B 71 9.51 1.01 -42.32
CA PHE B 71 10.24 2.25 -42.52
C PHE B 71 11.15 2.12 -43.71
N THR B 72 11.69 3.24 -44.14
CA THR B 72 12.58 3.24 -45.28
C THR B 72 13.83 4.02 -44.94
N PRO B 73 14.97 3.31 -44.78
CA PRO B 73 16.25 3.94 -44.46
C PRO B 73 16.60 5.09 -45.38
N THR B 74 17.33 6.04 -44.82
CA THR B 74 17.79 7.21 -45.52
C THR B 74 19.15 7.48 -44.91
N GLU B 75 20.06 8.03 -45.71
CA GLU B 75 21.38 8.35 -45.21
C GLU B 75 21.27 9.32 -44.03
N LYS B 76 20.56 10.41 -44.24
CA LYS B 76 20.38 11.44 -43.22
C LYS B 76 19.57 11.06 -41.98
N ASP B 77 18.69 10.06 -42.08
CA ASP B 77 17.85 9.72 -40.93
C ASP B 77 18.44 8.83 -39.85
N GLU B 78 18.02 9.10 -38.61
CA GLU B 78 18.46 8.33 -37.44
C GLU B 78 17.26 7.80 -36.69
N TYR B 79 17.30 6.51 -36.37
CA TYR B 79 16.24 5.83 -35.64
C TYR B 79 16.80 5.25 -34.33
N ALA B 80 15.96 5.14 -33.32
CA ALA B 80 16.42 4.59 -32.05
C ALA B 80 15.27 3.98 -31.29
N CYS B 81 15.63 3.22 -30.26
CA CYS B 81 14.64 2.58 -29.41
C CYS B 81 14.77 3.11 -28.00
N ARG B 82 13.65 3.58 -27.44
CA ARG B 82 13.63 4.09 -26.08
C ARG B 82 12.84 3.07 -25.27
N VAL B 83 13.38 2.65 -24.13
CA VAL B 83 12.71 1.65 -23.32
C VAL B 83 12.65 2.00 -21.84
N ASN B 84 11.59 1.53 -21.18
CA ASN B 84 11.45 1.77 -19.76
C ASN B 84 10.91 0.58 -19.02
N HIS B 85 11.40 0.40 -17.80
CA HIS B 85 11.05 -0.72 -16.95
C HIS B 85 11.36 -0.25 -15.53
N VAL B 86 10.95 -1.00 -14.51
CA VAL B 86 11.25 -0.60 -13.14
C VAL B 86 12.75 -0.68 -12.93
N THR B 87 13.39 -1.60 -13.61
CA THR B 87 14.84 -1.77 -13.50
C THR B 87 15.64 -0.62 -14.09
N LEU B 88 14.97 0.32 -14.74
CA LEU B 88 15.66 1.45 -15.35
C LEU B 88 15.26 2.75 -14.68
N SER B 89 16.26 3.46 -14.15
CA SER B 89 16.00 4.72 -13.46
C SER B 89 15.51 5.76 -14.45
N GLN B 90 16.04 5.71 -15.67
CA GLN B 90 15.58 6.65 -16.66
C GLN B 90 15.50 5.92 -18.01
N PRO B 91 14.61 6.37 -18.90
CA PRO B 91 14.47 5.71 -20.20
C PRO B 91 15.82 5.43 -20.86
N LYS B 92 16.07 4.17 -21.20
CA LYS B 92 17.31 3.79 -21.85
C LYS B 92 17.09 3.98 -23.36
N ILE B 93 18.02 4.68 -23.99
CA ILE B 93 17.91 4.94 -25.41
C ILE B 93 19.03 4.31 -26.21
N VAL B 94 18.67 3.52 -27.22
CA VAL B 94 19.65 2.86 -28.06
C VAL B 94 19.49 3.32 -29.49
N LYS B 95 20.61 3.72 -30.09
CA LYS B 95 20.61 4.19 -31.45
C LYS B 95 20.73 3.00 -32.38
N TRP B 96 20.10 3.11 -33.54
CA TRP B 96 20.16 2.05 -34.52
C TRP B 96 21.45 2.20 -35.28
N ASP B 97 22.12 1.08 -35.50
CA ASP B 97 23.36 1.04 -36.25
C ASP B 97 23.19 -0.05 -37.30
N ARG B 98 23.17 0.34 -38.56
CA ARG B 98 22.98 -0.63 -39.62
C ARG B 98 24.11 -1.65 -39.78
N ASP B 99 24.78 -1.99 -38.67
CA ASP B 99 25.86 -2.97 -38.71
C ASP B 99 25.81 -3.80 -37.44
N MET B 100 24.69 -3.70 -36.72
CA MET B 100 24.50 -4.44 -35.48
C MET B 100 23.06 -4.98 -35.37
N ALA C 1 -3.33 -27.60 -29.70
CA ALA C 1 -4.63 -27.49 -28.97
C ALA C 1 -4.41 -27.56 -27.47
N LEU C 2 -5.03 -26.66 -26.76
CA LEU C 2 -4.91 -26.60 -25.32
C LEU C 2 -5.33 -27.90 -24.65
N TRP C 3 -4.81 -28.12 -23.45
CA TRP C 3 -5.16 -29.28 -22.65
C TRP C 3 -6.60 -29.03 -22.19
N GLY C 4 -7.38 -30.10 -22.08
CA GLY C 4 -8.77 -29.96 -21.71
C GLY C 4 -9.13 -29.90 -20.24
N VAL C 5 -8.18 -30.22 -19.37
CA VAL C 5 -8.42 -30.18 -17.92
C VAL C 5 -7.89 -28.84 -17.46
N PHE C 6 -8.48 -28.29 -16.40
CA PHE C 6 -8.07 -26.99 -15.91
C PHE C 6 -7.73 -26.95 -14.43
N PRO C 7 -6.58 -27.53 -14.05
CA PRO C 7 -6.13 -27.57 -12.65
C PRO C 7 -5.98 -26.21 -11.99
N VAL C 8 -6.01 -26.20 -10.66
CA VAL C 8 -5.84 -24.97 -9.89
C VAL C 8 -4.76 -25.14 -8.86
N LEU C 9 -4.08 -24.05 -8.50
CA LEU C 9 -3.02 -24.09 -7.51
C LEU C 9 -3.60 -24.13 -6.09
N GLY D 1 -10.43 36.74 31.15
CA GLY D 1 -11.52 35.76 30.91
C GLY D 1 -11.80 34.89 32.12
N SER D 2 -12.94 34.18 32.10
CA SER D 2 -13.31 33.30 33.19
C SER D 2 -12.42 32.06 33.22
N HIS D 3 -12.35 31.42 34.37
CA HIS D 3 -11.53 30.21 34.54
C HIS D 3 -12.27 29.15 35.32
N SER D 4 -11.74 27.94 35.29
CA SER D 4 -12.39 26.85 36.00
C SER D 4 -11.42 25.78 36.43
N MET D 5 -11.85 25.01 37.41
CA MET D 5 -11.08 23.88 37.92
C MET D 5 -12.01 22.69 37.91
N ARG D 6 -11.65 21.63 37.20
CA ARG D 6 -12.49 20.44 37.15
C ARG D 6 -11.73 19.19 37.52
N TYR D 7 -12.43 18.24 38.14
CA TYR D 7 -11.84 16.97 38.53
C TYR D 7 -12.63 15.84 37.89
N PHE D 8 -11.96 15.07 37.03
CA PHE D 8 -12.59 13.97 36.35
C PHE D 8 -12.17 12.65 36.98
N PHE D 9 -13.16 11.84 37.34
CA PHE D 9 -12.93 10.55 37.97
C PHE D 9 -13.59 9.44 37.17
N THR D 10 -12.85 8.37 36.91
CA THR D 10 -13.40 7.23 36.18
C THR D 10 -13.01 5.94 36.87
N SER D 11 -14.01 5.11 37.15
CA SER D 11 -13.78 3.83 37.79
C SER D 11 -14.46 2.76 36.95
N VAL D 12 -13.73 1.70 36.67
CA VAL D 12 -14.26 0.62 35.85
C VAL D 12 -14.07 -0.74 36.49
N SER D 13 -15.16 -1.47 36.69
CA SER D 13 -15.07 -2.77 37.31
C SER D 13 -14.60 -3.80 36.30
N ARG D 14 -13.61 -4.59 36.70
CA ARG D 14 -13.07 -5.63 35.84
C ARG D 14 -13.22 -6.94 36.58
N PRO D 15 -14.48 -7.40 36.71
CA PRO D 15 -14.84 -8.65 37.39
C PRO D 15 -13.89 -9.80 37.06
N GLY D 16 -13.66 -10.65 38.05
CA GLY D 16 -12.80 -11.81 37.86
C GLY D 16 -11.34 -11.54 37.59
N ARG D 17 -10.92 -10.28 37.52
CA ARG D 17 -9.51 -10.02 37.27
C ARG D 17 -8.95 -8.82 38.03
N GLY D 18 -9.13 -8.85 39.35
CA GLY D 18 -8.62 -7.79 40.20
C GLY D 18 -9.62 -6.75 40.66
N GLU D 19 -9.08 -5.67 41.23
CA GLU D 19 -9.84 -4.55 41.74
C GLU D 19 -10.19 -3.61 40.58
N PRO D 20 -11.34 -2.91 40.66
CA PRO D 20 -11.68 -2.01 39.55
C PRO D 20 -10.63 -0.93 39.31
N ARG D 21 -10.36 -0.69 38.03
CA ARG D 21 -9.40 0.33 37.63
C ARG D 21 -9.97 1.71 37.90
N PHE D 22 -9.17 2.55 38.56
CA PHE D 22 -9.61 3.91 38.89
C PHE D 22 -8.64 4.97 38.37
N ILE D 23 -9.14 5.88 37.55
CA ILE D 23 -8.28 6.95 37.02
C ILE D 23 -8.82 8.28 37.48
N ALA D 24 -7.92 9.18 37.84
CA ALA D 24 -8.31 10.51 38.30
C ALA D 24 -7.42 11.55 37.64
N VAL D 25 -8.03 12.63 37.17
CA VAL D 25 -7.28 13.73 36.56
C VAL D 25 -7.93 15.04 36.96
N GLY D 26 -7.18 16.13 36.88
CA GLY D 26 -7.73 17.42 37.26
C GLY D 26 -7.28 18.53 36.33
N TYR D 27 -8.15 19.50 36.08
CA TYR D 27 -7.81 20.60 35.20
C TYR D 27 -8.05 21.99 35.74
N VAL D 28 -7.36 22.93 35.12
CA VAL D 28 -7.51 24.35 35.39
C VAL D 28 -7.62 24.77 33.94
N ASP D 29 -8.80 25.25 33.56
CA ASP D 29 -9.04 25.59 32.17
C ASP D 29 -8.68 24.33 31.37
N ASP D 30 -8.00 24.49 30.24
CA ASP D 30 -7.66 23.33 29.43
C ASP D 30 -6.29 22.70 29.69
N THR D 31 -5.73 22.98 30.87
CA THR D 31 -4.43 22.43 31.24
C THR D 31 -4.59 21.41 32.38
N GLN D 32 -4.12 20.19 32.16
CA GLN D 32 -4.20 19.15 33.17
C GLN D 32 -3.04 19.38 34.12
N PHE D 33 -3.28 19.30 35.43
CA PHE D 33 -2.17 19.51 36.34
C PHE D 33 -1.78 18.32 37.21
N VAL D 34 -2.73 17.43 37.49
CA VAL D 34 -2.43 16.26 38.33
C VAL D 34 -3.17 15.01 37.87
N ARG D 35 -2.70 13.85 38.30
CA ARG D 35 -3.35 12.59 37.94
C ARG D 35 -3.01 11.50 38.94
N PHE D 36 -3.87 10.49 38.96
CA PHE D 36 -3.72 9.36 39.84
C PHE D 36 -4.27 8.16 39.08
N ASP D 37 -3.52 7.07 39.09
CA ASP D 37 -3.90 5.84 38.40
C ASP D 37 -3.74 4.65 39.36
N SER D 38 -4.84 3.97 39.66
CA SER D 38 -4.83 2.81 40.56
C SER D 38 -3.85 1.72 40.13
N ASP D 39 -3.59 1.62 38.84
CA ASP D 39 -2.70 0.59 38.33
C ASP D 39 -1.24 1.03 38.29
N ALA D 40 -0.99 2.30 38.60
CA ALA D 40 0.35 2.85 38.57
C ALA D 40 1.15 2.39 39.77
N ALA D 41 2.47 2.51 39.68
CA ALA D 41 3.35 2.08 40.76
C ALA D 41 3.36 2.99 41.98
N SER D 42 3.44 4.31 41.75
CA SER D 42 3.49 5.29 42.83
C SER D 42 2.35 5.26 43.84
N GLN D 43 1.14 4.96 43.38
CA GLN D 43 -0.01 4.97 44.27
C GLN D 43 0.00 6.33 44.93
N ARG D 44 0.18 7.36 44.11
CA ARG D 44 0.24 8.75 44.57
C ARG D 44 -0.27 9.76 43.57
N MET D 45 -0.80 10.87 44.06
CA MET D 45 -1.25 11.91 43.18
C MET D 45 0.05 12.44 42.55
N GLU D 46 0.10 12.49 41.24
CA GLU D 46 1.30 12.95 40.57
C GLU D 46 1.02 14.22 39.78
N PRO D 47 2.04 15.06 39.60
CA PRO D 47 1.88 16.31 38.85
C PRO D 47 1.93 16.04 37.36
N ARG D 48 1.18 16.83 36.59
CA ARG D 48 1.16 16.68 35.13
C ARG D 48 1.39 18.04 34.48
N ALA D 49 1.69 19.03 35.30
CA ALA D 49 1.97 20.39 34.83
C ALA D 49 3.09 20.98 35.68
N PRO D 50 4.02 21.71 35.06
CA PRO D 50 5.14 22.33 35.76
C PRO D 50 4.76 23.14 36.99
N TRP D 51 3.88 24.11 36.81
CA TRP D 51 3.45 24.96 37.90
C TRP D 51 2.78 24.31 39.12
N ILE D 52 2.94 23.01 39.32
CA ILE D 52 2.32 22.41 40.48
C ILE D 52 3.38 21.61 41.20
N GLU D 53 4.43 21.25 40.48
CA GLU D 53 5.54 20.50 41.04
C GLU D 53 6.12 21.25 42.23
N GLN D 54 5.94 22.58 42.24
CA GLN D 54 6.43 23.44 43.31
C GLN D 54 5.80 23.03 44.64
N GLU D 55 4.49 22.82 44.64
CA GLU D 55 3.75 22.43 45.84
C GLU D 55 4.56 21.43 46.64
N GLY D 56 4.66 21.67 47.93
CA GLY D 56 5.45 20.79 48.77
C GLY D 56 4.80 19.45 49.09
N PRO D 57 5.47 18.65 49.92
CA PRO D 57 5.01 17.32 50.34
C PRO D 57 3.66 17.33 51.06
N GLU D 58 3.31 18.44 51.70
CA GLU D 58 2.02 18.52 52.38
C GLU D 58 0.94 18.34 51.31
N TYR D 59 1.00 19.16 50.27
CA TYR D 59 0.03 19.11 49.19
C TYR D 59 -0.08 17.71 48.62
N TRP D 60 1.06 17.14 48.22
CA TRP D 60 1.08 15.80 47.65
C TRP D 60 0.65 14.68 48.60
N ASP D 61 0.92 14.84 49.88
CA ASP D 61 0.51 13.82 50.82
C ASP D 61 -0.98 13.95 51.04
N GLY D 62 -1.46 15.19 51.05
CA GLY D 62 -2.89 15.41 51.26
C GLY D 62 -3.71 14.95 50.07
N GLU D 63 -3.28 15.31 48.87
CA GLU D 63 -4.02 14.93 47.67
C GLU D 63 -3.95 13.44 47.43
N THR D 64 -2.83 12.82 47.83
CA THR D 64 -2.67 11.38 47.67
C THR D 64 -3.62 10.70 48.65
N ARG D 65 -3.82 11.34 49.78
CA ARG D 65 -4.70 10.87 50.82
C ARG D 65 -6.16 10.97 50.33
N LYS D 66 -6.54 12.14 49.84
CA LYS D 66 -7.91 12.36 49.36
C LYS D 66 -8.23 11.54 48.09
N VAL D 67 -7.29 11.51 47.15
CA VAL D 67 -7.50 10.78 45.91
C VAL D 67 -7.72 9.29 46.16
N LYS D 68 -6.98 8.73 47.11
CA LYS D 68 -7.14 7.33 47.43
C LYS D 68 -8.55 7.09 47.97
N ALA D 69 -9.01 8.01 48.82
CA ALA D 69 -10.34 7.90 49.41
C ALA D 69 -11.37 7.89 48.29
N HIS D 70 -11.26 8.81 47.34
CA HIS D 70 -12.19 8.85 46.21
C HIS D 70 -12.23 7.48 45.55
N SER D 71 -11.05 6.97 45.21
CA SER D 71 -10.93 5.66 44.56
C SER D 71 -11.71 4.60 45.30
N GLN D 72 -11.50 4.53 46.62
CA GLN D 72 -12.19 3.53 47.40
C GLN D 72 -13.68 3.80 47.27
N THR D 73 -14.06 5.06 47.41
CA THR D 73 -15.45 5.47 47.30
C THR D 73 -16.11 4.95 46.04
N HIS D 74 -15.47 5.18 44.90
CA HIS D 74 -16.07 4.74 43.66
C HIS D 74 -15.88 3.26 43.46
N ARG D 75 -15.04 2.66 44.30
CA ARG D 75 -14.83 1.21 44.24
C ARG D 75 -16.07 0.59 44.87
N VAL D 76 -16.62 1.31 45.84
CA VAL D 76 -17.82 0.87 46.52
C VAL D 76 -19.04 1.22 45.68
N ASP D 77 -18.98 2.38 45.04
CA ASP D 77 -20.08 2.84 44.21
C ASP D 77 -20.48 1.78 43.21
N LEU D 78 -19.49 1.12 42.62
CA LEU D 78 -19.73 0.08 41.64
C LEU D 78 -20.57 -1.01 42.28
N GLY D 79 -20.24 -1.34 43.52
CA GLY D 79 -21.00 -2.36 44.23
C GLY D 79 -22.43 -1.90 44.36
N THR D 80 -22.64 -0.80 45.06
CA THR D 80 -23.96 -0.23 45.28
C THR D 80 -24.84 -0.24 44.03
N LEU D 81 -24.42 0.48 42.99
CA LEU D 81 -25.18 0.55 41.76
C LEU D 81 -25.48 -0.83 41.18
N ARG D 82 -24.50 -1.72 41.25
CA ARG D 82 -24.64 -3.09 40.76
C ARG D 82 -25.88 -3.71 41.41
N GLY D 83 -26.13 -3.33 42.65
CA GLY D 83 -27.28 -3.84 43.37
C GLY D 83 -28.53 -3.04 43.07
N TYR D 84 -28.38 -1.72 42.94
CA TYR D 84 -29.51 -0.85 42.65
C TYR D 84 -30.19 -1.25 41.34
N TYR D 85 -29.47 -1.99 40.52
CA TYR D 85 -30.03 -2.39 39.24
C TYR D 85 -30.06 -3.89 39.04
N ASN D 86 -29.82 -4.64 40.11
CA ASN D 86 -29.80 -6.10 40.05
C ASN D 86 -29.00 -6.52 38.83
N GLN D 87 -27.72 -6.14 38.81
CA GLN D 87 -26.88 -6.47 37.68
C GLN D 87 -25.94 -7.63 37.95
N SER D 88 -25.68 -8.39 36.90
CA SER D 88 -24.78 -9.54 36.99
C SER D 88 -23.41 -9.04 37.43
N GLU D 89 -22.86 -9.67 38.46
CA GLU D 89 -21.55 -9.26 38.91
C GLU D 89 -20.47 -9.77 37.95
N ALA D 90 -20.89 -10.34 36.84
CA ALA D 90 -19.94 -10.84 35.87
C ALA D 90 -19.51 -9.69 34.96
N GLY D 91 -20.46 -8.85 34.59
CA GLY D 91 -20.16 -7.74 33.71
C GLY D 91 -19.37 -6.60 34.32
N SER D 92 -18.62 -5.92 33.46
CA SER D 92 -17.82 -4.77 33.83
C SER D 92 -18.68 -3.51 33.68
N HIS D 93 -18.53 -2.57 34.59
CA HIS D 93 -19.30 -1.35 34.52
C HIS D 93 -18.45 -0.13 34.72
N THR D 94 -19.04 1.04 34.48
CA THR D 94 -18.30 2.26 34.63
C THR D 94 -19.03 3.29 35.48
N VAL D 95 -18.25 4.08 36.20
CA VAL D 95 -18.76 5.13 37.06
C VAL D 95 -17.89 6.33 36.74
N GLN D 96 -18.51 7.47 36.47
CA GLN D 96 -17.78 8.68 36.18
C GLN D 96 -18.29 9.79 37.09
N ARG D 97 -17.36 10.56 37.64
CA ARG D 97 -17.70 11.66 38.52
C ARG D 97 -16.92 12.87 38.06
N MET D 98 -17.57 14.02 38.06
CA MET D 98 -16.90 15.25 37.65
C MET D 98 -17.42 16.41 38.45
N TYR D 99 -16.57 16.99 39.29
CA TYR D 99 -16.96 18.15 40.08
C TYR D 99 -15.94 19.27 39.94
N GLY D 100 -16.39 20.50 40.13
CA GLY D 100 -15.52 21.65 40.02
C GLY D 100 -16.24 22.99 40.12
N CYS D 101 -15.50 24.06 39.90
CA CYS D 101 -16.05 25.40 40.00
C CYS D 101 -15.58 26.32 38.86
N ASP D 102 -16.41 27.31 38.55
CA ASP D 102 -16.14 28.31 37.52
C ASP D 102 -16.08 29.69 38.19
N VAL D 103 -15.22 30.57 37.69
CA VAL D 103 -15.15 31.95 38.20
C VAL D 103 -15.19 32.86 36.99
N GLY D 104 -15.69 34.07 37.19
CA GLY D 104 -15.74 35.02 36.10
C GLY D 104 -14.39 35.70 35.95
N SER D 105 -14.32 36.66 35.04
CA SER D 105 -13.08 37.39 34.81
C SER D 105 -12.63 38.02 36.11
N ASP D 106 -13.61 38.24 36.98
CA ASP D 106 -13.36 38.82 38.30
C ASP D 106 -12.81 37.80 39.29
N TRP D 107 -12.60 36.58 38.83
CA TRP D 107 -12.08 35.51 39.69
C TRP D 107 -12.98 35.25 40.89
N ARG D 108 -14.26 35.58 40.75
CA ARG D 108 -15.24 35.34 41.81
C ARG D 108 -16.07 34.13 41.42
N PHE D 109 -16.58 33.40 42.41
CA PHE D 109 -17.40 32.21 42.13
C PHE D 109 -18.50 32.52 41.13
N LEU D 110 -18.65 31.66 40.13
CA LEU D 110 -19.65 31.84 39.08
C LEU D 110 -20.63 30.65 38.92
N ARG D 111 -20.26 29.48 39.46
CA ARG D 111 -21.10 28.27 39.43
C ARG D 111 -20.22 27.04 39.64
N GLY D 112 -20.78 26.02 40.29
CA GLY D 112 -20.02 24.81 40.56
C GLY D 112 -20.74 23.58 40.06
N TYR D 113 -20.06 22.44 40.08
CA TYR D 113 -20.65 21.21 39.60
C TYR D 113 -20.37 20.04 40.51
N HIS D 114 -20.96 18.89 40.17
CA HIS D 114 -20.83 17.64 40.92
C HIS D 114 -21.84 16.71 40.26
N GLN D 115 -21.41 16.01 39.22
CA GLN D 115 -22.29 15.12 38.47
C GLN D 115 -21.74 13.71 38.34
N TYR D 116 -22.63 12.74 38.19
CA TYR D 116 -22.25 11.34 38.03
C TYR D 116 -22.85 10.74 36.76
N ALA D 117 -22.40 9.55 36.40
CA ALA D 117 -22.92 8.85 35.22
C ALA D 117 -22.54 7.39 35.35
N TYR D 118 -23.54 6.51 35.25
CA TYR D 118 -23.31 5.07 35.33
C TYR D 118 -23.44 4.52 33.92
N ASP D 119 -22.39 3.84 33.48
CA ASP D 119 -22.32 3.28 32.15
C ASP D 119 -22.71 4.30 31.08
N GLY D 120 -22.24 5.54 31.24
CA GLY D 120 -22.53 6.56 30.25
C GLY D 120 -23.85 7.33 30.38
N LYS D 121 -24.73 6.95 31.29
CA LYS D 121 -25.98 7.69 31.45
C LYS D 121 -25.97 8.58 32.69
N ASP D 122 -26.42 9.82 32.54
CA ASP D 122 -26.50 10.74 33.67
C ASP D 122 -27.15 10.02 34.83
N TYR D 123 -26.47 9.99 35.96
CA TYR D 123 -27.00 9.34 37.14
C TYR D 123 -27.58 10.40 38.08
N ILE D 124 -26.69 11.18 38.69
CA ILE D 124 -27.12 12.24 39.60
C ILE D 124 -26.25 13.46 39.43
N ALA D 125 -26.87 14.65 39.53
CA ALA D 125 -26.15 15.90 39.38
C ALA D 125 -26.69 16.99 40.30
N LEU D 126 -25.80 17.86 40.74
CA LEU D 126 -26.18 18.95 41.61
C LEU D 126 -26.73 20.06 40.72
N LYS D 127 -27.85 20.65 41.12
CA LYS D 127 -28.44 21.72 40.34
C LYS D 127 -27.66 22.99 40.56
N GLU D 128 -28.00 24.03 39.81
CA GLU D 128 -27.32 25.32 39.95
C GLU D 128 -27.43 25.91 41.35
N ASP D 129 -28.63 25.89 41.93
CA ASP D 129 -28.83 26.43 43.26
C ASP D 129 -27.87 25.81 44.27
N LEU D 130 -27.14 24.77 43.86
CA LEU D 130 -26.19 24.12 44.76
C LEU D 130 -26.90 23.70 46.05
N ARG D 131 -28.22 23.57 45.98
CA ARG D 131 -29.00 23.22 47.13
C ARG D 131 -29.94 22.05 46.86
N SER D 132 -29.99 21.59 45.61
CA SER D 132 -30.87 20.46 45.25
C SER D 132 -30.22 19.53 44.24
N TRP D 133 -30.88 18.40 43.99
CA TRP D 133 -30.33 17.40 43.07
C TRP D 133 -31.28 16.91 41.99
N THR D 134 -30.69 16.41 40.91
CA THR D 134 -31.43 15.88 39.79
C THR D 134 -31.22 14.37 39.72
N ALA D 135 -32.22 13.62 40.17
CA ALA D 135 -32.14 12.17 40.11
C ALA D 135 -32.77 11.81 38.78
N ALA D 136 -32.18 10.84 38.09
CA ALA D 136 -32.70 10.40 36.80
C ALA D 136 -33.77 9.32 36.98
N ASP D 137 -33.41 8.23 37.66
CA ASP D 137 -34.35 7.14 37.90
C ASP D 137 -34.58 6.88 39.37
N MET D 138 -35.18 5.73 39.67
CA MET D 138 -35.45 5.35 41.05
C MET D 138 -34.14 5.17 41.79
N ALA D 139 -33.16 4.60 41.10
CA ALA D 139 -31.83 4.37 41.68
C ALA D 139 -31.23 5.71 42.12
N ALA D 140 -31.04 6.60 41.16
CA ALA D 140 -30.50 7.91 41.47
C ALA D 140 -31.36 8.58 42.56
N GLN D 141 -32.66 8.33 42.52
CA GLN D 141 -33.54 8.93 43.51
C GLN D 141 -33.18 8.44 44.91
N THR D 142 -32.88 7.14 45.00
CA THR D 142 -32.52 6.56 46.28
C THR D 142 -31.22 7.16 46.80
N THR D 143 -30.31 7.46 45.88
CA THR D 143 -29.06 8.07 46.27
C THR D 143 -29.34 9.50 46.69
N LYS D 144 -30.21 10.16 45.93
CA LYS D 144 -30.57 11.54 46.24
C LYS D 144 -31.08 11.60 47.68
N HIS D 145 -31.86 10.59 48.05
CA HIS D 145 -32.40 10.51 49.39
C HIS D 145 -31.28 10.47 50.43
N LYS D 146 -30.37 9.53 50.25
CA LYS D 146 -29.24 9.42 51.17
C LYS D 146 -28.51 10.77 51.33
N TRP D 147 -28.14 11.35 50.19
CA TRP D 147 -27.43 12.60 50.18
C TRP D 147 -28.24 13.76 50.80
N GLU D 148 -29.56 13.57 50.88
CA GLU D 148 -30.41 14.59 51.47
C GLU D 148 -30.32 14.56 52.98
N ALA D 149 -30.36 13.36 53.55
CA ALA D 149 -30.26 13.22 55.00
C ALA D 149 -28.86 13.61 55.41
N ALA D 150 -27.87 13.02 54.76
CA ALA D 150 -26.47 13.27 55.06
C ALA D 150 -26.09 14.74 54.87
N HIS D 151 -27.01 15.53 54.32
CA HIS D 151 -26.78 16.96 54.07
C HIS D 151 -25.55 17.19 53.21
N VAL D 152 -25.36 16.32 52.23
CA VAL D 152 -24.22 16.40 51.33
C VAL D 152 -24.15 17.71 50.54
N ALA D 153 -25.29 18.15 50.02
CA ALA D 153 -25.32 19.38 49.22
C ALA D 153 -24.69 20.55 49.95
N GLU D 154 -25.13 20.80 51.17
CA GLU D 154 -24.60 21.94 51.91
C GLU D 154 -23.09 21.90 51.98
N GLN D 155 -22.57 20.72 52.27
CA GLN D 155 -21.12 20.55 52.40
C GLN D 155 -20.45 20.82 51.07
N LEU D 156 -20.97 20.21 50.03
CA LEU D 156 -20.42 20.38 48.70
C LEU D 156 -20.45 21.87 48.31
N ARG D 157 -21.46 22.58 48.79
CA ARG D 157 -21.60 24.01 48.51
C ARG D 157 -20.40 24.80 49.03
N ALA D 158 -20.01 24.51 50.27
CA ALA D 158 -18.88 25.16 50.91
C ALA D 158 -17.64 24.93 50.07
N TYR D 159 -17.44 23.68 49.68
CA TYR D 159 -16.30 23.35 48.86
C TYR D 159 -16.31 24.14 47.56
N LEU D 160 -17.43 24.11 46.87
CA LEU D 160 -17.55 24.79 45.59
C LEU D 160 -17.42 26.31 45.60
N GLU D 161 -18.11 26.97 46.53
CA GLU D 161 -18.05 28.42 46.60
C GLU D 161 -16.84 28.91 47.40
N GLY D 162 -16.18 27.99 48.10
CA GLY D 162 -15.04 28.38 48.90
C GLY D 162 -13.73 27.77 48.43
N THR D 163 -13.27 26.78 49.18
CA THR D 163 -12.03 26.08 48.87
C THR D 163 -11.75 25.94 47.39
N CYS D 164 -12.74 25.45 46.63
CA CYS D 164 -12.57 25.28 45.22
C CYS D 164 -12.07 26.55 44.55
N VAL D 165 -12.83 27.64 44.69
CA VAL D 165 -12.46 28.92 44.08
C VAL D 165 -11.06 29.34 44.51
N GLU D 166 -10.82 29.28 45.82
CA GLU D 166 -9.54 29.69 46.37
C GLU D 166 -8.32 28.96 45.78
N TRP D 167 -8.49 27.67 45.43
CA TRP D 167 -7.36 26.95 44.86
C TRP D 167 -7.19 27.32 43.42
N LEU D 168 -8.31 27.55 42.73
CA LEU D 168 -8.27 27.93 41.34
C LEU D 168 -7.43 29.18 41.29
N ARG D 169 -7.84 30.19 42.06
CA ARG D 169 -7.09 31.43 42.08
C ARG D 169 -5.62 31.21 42.35
N ARG D 170 -5.29 30.44 43.39
CA ARG D 170 -3.90 30.15 43.74
C ARG D 170 -3.18 29.58 42.53
N TYR D 171 -3.73 28.51 41.98
CA TYR D 171 -3.12 27.90 40.81
C TYR D 171 -3.00 28.94 39.70
N LEU D 172 -4.04 29.75 39.54
CA LEU D 172 -4.01 30.79 38.52
C LEU D 172 -2.80 31.68 38.69
N GLU D 173 -2.52 32.05 39.94
CA GLU D 173 -1.38 32.89 40.22
C GLU D 173 -0.07 32.16 39.99
N ASN D 174 0.14 31.08 40.73
CA ASN D 174 1.34 30.27 40.62
C ASN D 174 1.64 29.80 39.20
N GLY D 175 0.65 29.88 38.31
CA GLY D 175 0.85 29.46 36.95
C GLY D 175 0.61 30.56 35.93
N LYS D 176 0.75 31.81 36.35
CA LYS D 176 0.52 32.96 35.48
C LYS D 176 1.01 32.73 34.04
N GLU D 177 2.28 32.39 33.88
CA GLU D 177 2.88 32.17 32.57
C GLU D 177 2.13 31.19 31.67
N THR D 178 1.52 30.20 32.28
CA THR D 178 0.78 29.21 31.51
C THR D 178 -0.72 29.49 31.57
N LEU D 179 -1.33 29.14 32.70
CA LEU D 179 -2.76 29.34 32.88
C LEU D 179 -3.29 30.68 32.41
N GLN D 180 -2.57 31.76 32.68
CA GLN D 180 -3.03 33.09 32.29
C GLN D 180 -2.46 33.57 30.97
N ARG D 181 -2.01 32.62 30.14
CA ARG D 181 -1.46 32.98 28.84
C ARG D 181 -2.53 32.84 27.76
N THR D 182 -2.19 33.23 26.56
CA THR D 182 -3.09 33.11 25.42
C THR D 182 -2.22 33.02 24.14
N ASP D 183 -2.34 31.91 23.38
CA ASP D 183 -1.59 31.71 22.12
C ASP D 183 -2.50 31.74 20.91
N ALA D 184 -2.51 32.86 20.18
CA ALA D 184 -3.33 32.99 18.99
C ALA D 184 -2.92 31.87 18.06
N PRO D 185 -3.88 31.31 17.31
CA PRO D 185 -3.56 30.22 16.39
C PRO D 185 -2.65 30.65 15.25
N LYS D 186 -1.91 29.68 14.71
CA LYS D 186 -1.03 29.92 13.58
C LYS D 186 -1.84 29.38 12.40
N THR D 187 -2.44 30.30 11.68
CA THR D 187 -3.31 29.94 10.58
C THR D 187 -2.67 29.96 9.21
N HIS D 188 -2.91 28.90 8.43
CA HIS D 188 -2.40 28.83 7.06
C HIS D 188 -3.42 28.09 6.17
N MET D 189 -3.23 28.16 4.86
CA MET D 189 -4.18 27.55 3.93
C MET D 189 -3.51 26.61 2.93
N THR D 190 -4.14 25.46 2.72
CA THR D 190 -3.62 24.47 1.79
C THR D 190 -4.63 24.28 0.65
N HIS D 191 -4.11 24.05 -0.54
CA HIS D 191 -4.94 23.87 -1.72
C HIS D 191 -4.49 22.65 -2.52
N HIS D 192 -5.29 21.59 -2.51
CA HIS D 192 -4.94 20.41 -3.30
C HIS D 192 -6.10 20.03 -4.19
N ALA D 193 -5.83 19.93 -5.49
CA ALA D 193 -6.87 19.58 -6.47
C ALA D 193 -7.39 18.16 -6.33
N VAL D 194 -8.70 17.99 -6.28
CA VAL D 194 -9.26 16.65 -6.17
C VAL D 194 -9.36 16.07 -7.56
N SER D 195 -9.69 16.92 -8.51
CA SER D 195 -9.86 16.52 -9.90
C SER D 195 -9.56 17.68 -10.84
N ASP D 196 -9.73 17.46 -12.14
CA ASP D 196 -9.48 18.50 -13.12
C ASP D 196 -10.58 19.57 -13.13
N HIS D 197 -11.49 19.52 -12.16
CA HIS D 197 -12.56 20.51 -12.06
C HIS D 197 -12.93 20.87 -10.62
N GLU D 198 -12.12 20.43 -9.66
CA GLU D 198 -12.38 20.72 -8.25
C GLU D 198 -11.12 20.78 -7.42
N ALA D 199 -11.18 21.48 -6.30
CA ALA D 199 -10.03 21.59 -5.41
C ALA D 199 -10.46 21.67 -3.95
N THR D 200 -9.63 21.14 -3.07
CA THR D 200 -9.95 21.18 -1.66
C THR D 200 -9.26 22.36 -0.98
N LEU D 201 -10.01 23.09 -0.18
CA LEU D 201 -9.47 24.23 0.54
C LEU D 201 -9.42 23.92 2.02
N ARG D 202 -8.20 23.82 2.56
CA ARG D 202 -8.05 23.55 3.99
C ARG D 202 -7.53 24.77 4.75
N CYS D 203 -8.27 25.16 5.78
CA CYS D 203 -7.87 26.30 6.58
C CYS D 203 -7.37 25.74 7.90
N TRP D 204 -6.14 26.07 8.25
CA TRP D 204 -5.55 25.56 9.48
C TRP D 204 -5.41 26.56 10.64
N ALA D 205 -5.64 26.06 11.85
CA ALA D 205 -5.50 26.84 13.08
C ALA D 205 -4.67 25.97 14.01
N LEU D 206 -3.38 26.27 14.10
CA LEU D 206 -2.44 25.48 14.92
C LEU D 206 -1.81 26.20 16.13
N SER D 207 -1.31 25.36 17.04
CA SER D 207 -0.64 25.79 18.25
C SER D 207 -1.36 26.91 19.00
N PHE D 208 -2.64 26.68 19.33
CA PHE D 208 -3.39 27.71 20.06
C PHE D 208 -3.86 27.25 21.44
N TYR D 209 -4.11 28.23 22.31
CA TYR D 209 -4.56 27.99 23.67
C TYR D 209 -5.33 29.20 24.16
N PRO D 210 -6.48 29.01 24.82
CA PRO D 210 -7.11 27.73 25.16
C PRO D 210 -7.77 27.11 23.92
N ALA D 211 -8.45 25.98 24.12
CA ALA D 211 -9.11 25.25 23.03
C ALA D 211 -10.28 25.93 22.34
N GLU D 212 -10.96 26.84 23.04
CA GLU D 212 -12.09 27.55 22.43
C GLU D 212 -11.68 28.20 21.12
N ILE D 213 -12.42 27.91 20.05
CA ILE D 213 -12.09 28.49 18.77
C ILE D 213 -13.24 28.39 17.79
N THR D 214 -13.21 29.25 16.79
CA THR D 214 -14.25 29.24 15.77
C THR D 214 -13.58 29.38 14.43
N LEU D 215 -13.64 28.31 13.66
CA LEU D 215 -13.02 28.25 12.34
C LEU D 215 -14.19 28.12 11.37
N THR D 216 -14.37 29.12 10.52
CA THR D 216 -15.49 29.13 9.59
C THR D 216 -15.15 29.43 8.13
N TRP D 217 -15.90 28.82 7.21
CA TRP D 217 -15.71 29.05 5.79
C TRP D 217 -16.90 29.82 5.25
N GLN D 218 -16.62 30.72 4.31
CA GLN D 218 -17.65 31.57 3.70
C GLN D 218 -17.47 31.78 2.20
N ARG D 219 -18.57 31.71 1.46
CA ARG D 219 -18.53 31.95 0.01
C ARG D 219 -19.26 33.27 -0.23
N ASP D 220 -18.57 34.23 -0.84
CA ASP D 220 -19.13 35.56 -1.09
C ASP D 220 -19.78 36.14 0.14
N GLY D 221 -19.22 35.86 1.31
CA GLY D 221 -19.78 36.38 2.54
C GLY D 221 -20.79 35.50 3.26
N GLU D 222 -21.37 34.53 2.55
CA GLU D 222 -22.34 33.63 3.16
C GLU D 222 -21.65 32.44 3.80
N ASP D 223 -22.08 32.08 4.99
CA ASP D 223 -21.50 30.95 5.68
C ASP D 223 -21.76 29.69 4.87
N GLN D 224 -20.70 28.91 4.67
CA GLN D 224 -20.79 27.69 3.91
C GLN D 224 -20.98 26.54 4.87
N THR D 225 -21.47 26.87 6.05
CA THR D 225 -21.73 25.89 7.10
C THR D 225 -21.88 24.44 6.67
N GLN D 226 -23.04 24.12 6.12
CA GLN D 226 -23.37 22.77 5.69
C GLN D 226 -22.49 22.11 4.64
N ASP D 227 -21.50 22.83 4.14
CA ASP D 227 -20.62 22.28 3.12
C ASP D 227 -19.18 22.30 3.62
N THR D 228 -19.02 22.36 4.93
CA THR D 228 -17.69 22.42 5.49
C THR D 228 -17.33 21.19 6.27
N GLU D 229 -16.10 20.73 6.06
CA GLU D 229 -15.53 19.58 6.76
C GLU D 229 -14.86 20.25 7.96
N LEU D 230 -15.34 19.95 9.16
CA LEU D 230 -14.79 20.57 10.34
C LEU D 230 -14.39 19.51 11.37
N VAL D 231 -13.10 19.24 11.52
CA VAL D 231 -12.67 18.25 12.49
C VAL D 231 -12.78 18.79 13.90
N GLU D 232 -12.73 17.88 14.89
CA GLU D 232 -12.80 18.27 16.30
C GLU D 232 -11.50 18.92 16.73
N THR D 233 -11.60 20.03 17.49
CA THR D 233 -10.39 20.67 17.98
C THR D 233 -9.57 19.57 18.68
N ARG D 234 -8.34 19.33 18.22
CA ARG D 234 -7.51 18.30 18.83
C ARG D 234 -6.27 18.82 19.52
N PRO D 235 -5.70 18.01 20.42
CA PRO D 235 -4.49 18.36 21.18
C PRO D 235 -3.21 18.07 20.41
N ALA D 236 -2.29 19.03 20.39
CA ALA D 236 -1.01 18.86 19.72
C ALA D 236 -0.19 17.87 20.53
N GLY D 237 -0.48 17.84 21.83
CA GLY D 237 0.24 16.95 22.72
C GLY D 237 1.28 17.72 23.50
N ASP D 238 1.48 18.97 23.11
CA ASP D 238 2.46 19.84 23.75
C ASP D 238 1.81 20.92 24.58
N GLY D 239 0.51 20.78 24.84
CA GLY D 239 -0.18 21.78 25.64
C GLY D 239 -1.01 22.71 24.79
N THR D 240 -0.82 22.69 23.48
CA THR D 240 -1.62 23.53 22.60
C THR D 240 -2.56 22.67 21.77
N PHE D 241 -3.53 23.32 21.14
CA PHE D 241 -4.52 22.61 20.33
C PHE D 241 -4.48 23.02 18.87
N GLN D 242 -5.05 22.16 18.02
CA GLN D 242 -5.12 22.35 16.58
C GLN D 242 -6.55 22.18 16.08
N LYS D 243 -6.80 22.61 14.84
CA LYS D 243 -8.11 22.47 14.24
C LYS D 243 -8.11 22.91 12.78
N TRP D 244 -8.96 22.31 11.98
CA TRP D 244 -9.07 22.72 10.59
C TRP D 244 -10.43 22.48 10.01
N ALA D 245 -10.73 23.24 8.97
CA ALA D 245 -12.02 23.17 8.30
C ALA D 245 -11.73 23.24 6.81
N ALA D 246 -12.41 22.42 6.02
CA ALA D 246 -12.19 22.45 4.59
C ALA D 246 -13.48 22.39 3.80
N VAL D 247 -13.41 22.90 2.57
CA VAL D 247 -14.55 22.90 1.67
C VAL D 247 -14.05 22.51 0.28
N VAL D 248 -14.91 21.82 -0.46
CA VAL D 248 -14.56 21.42 -1.82
C VAL D 248 -15.01 22.59 -2.66
N VAL D 249 -14.10 23.03 -3.51
CA VAL D 249 -14.38 24.17 -4.34
C VAL D 249 -14.29 23.94 -5.83
N PRO D 250 -15.21 24.57 -6.59
CA PRO D 250 -15.23 24.44 -8.05
C PRO D 250 -14.00 25.16 -8.56
N SER D 251 -13.06 24.42 -9.16
CA SER D 251 -11.84 25.04 -9.68
C SER D 251 -12.17 26.37 -10.33
N GLY D 252 -11.47 27.42 -9.90
CA GLY D 252 -11.72 28.73 -10.45
C GLY D 252 -12.49 29.65 -9.53
N GLN D 253 -13.04 29.14 -8.43
CA GLN D 253 -13.78 30.00 -7.51
C GLN D 253 -13.07 30.21 -6.16
N GLU D 254 -11.89 29.61 -5.98
CA GLU D 254 -11.15 29.74 -4.73
C GLU D 254 -11.23 31.11 -4.10
N GLN D 255 -11.23 32.14 -4.94
CA GLN D 255 -11.30 33.49 -4.44
C GLN D 255 -12.64 33.87 -3.83
N ARG D 256 -13.69 33.12 -4.14
CA ARG D 256 -15.01 33.43 -3.59
C ARG D 256 -15.06 33.08 -2.11
N TYR D 257 -14.26 32.08 -1.73
CA TYR D 257 -14.24 31.60 -0.36
C TYR D 257 -13.26 32.31 0.56
N THR D 258 -13.66 32.43 1.82
CA THR D 258 -12.84 33.05 2.86
C THR D 258 -12.96 32.25 4.13
N CYS D 259 -11.84 32.13 4.84
CA CYS D 259 -11.85 31.40 6.08
C CYS D 259 -11.88 32.41 7.19
N HIS D 260 -12.63 32.14 8.24
CA HIS D 260 -12.72 33.07 9.36
C HIS D 260 -12.32 32.39 10.63
N VAL D 261 -11.38 33.01 11.33
CA VAL D 261 -10.86 32.48 12.58
C VAL D 261 -11.17 33.38 13.76
N GLN D 262 -11.64 32.78 14.85
CA GLN D 262 -11.97 33.52 16.05
C GLN D 262 -11.36 32.85 17.27
N HIS D 263 -10.47 33.57 17.94
CA HIS D 263 -9.81 33.03 19.12
C HIS D 263 -9.54 34.12 20.12
N GLU D 264 -9.74 33.81 21.41
CA GLU D 264 -9.51 34.78 22.47
C GLU D 264 -8.13 35.44 22.42
N GLY D 265 -7.22 34.86 21.66
CA GLY D 265 -5.88 35.40 21.56
C GLY D 265 -5.56 36.14 20.28
N LEU D 266 -6.59 36.59 19.57
CA LEU D 266 -6.42 37.32 18.33
C LEU D 266 -7.02 38.72 18.52
N PRO D 267 -6.18 39.77 18.36
CA PRO D 267 -6.54 41.19 18.51
C PRO D 267 -7.87 41.46 17.84
N LYS D 268 -8.04 40.86 16.66
CA LYS D 268 -9.25 40.97 15.88
C LYS D 268 -9.40 39.65 15.13
N PRO D 269 -10.63 39.32 14.69
CA PRO D 269 -10.87 38.08 13.96
C PRO D 269 -10.11 38.04 12.64
N LEU D 270 -9.60 36.87 12.29
CA LEU D 270 -8.86 36.68 11.05
C LEU D 270 -9.74 36.33 9.87
N THR D 271 -9.30 36.79 8.70
CA THR D 271 -10.00 36.56 7.44
C THR D 271 -8.97 36.24 6.38
N LEU D 272 -8.88 34.97 6.01
CA LEU D 272 -7.94 34.52 5.00
C LEU D 272 -8.70 34.25 3.71
N ARG D 273 -7.99 34.37 2.61
CA ARG D 273 -8.55 34.16 1.28
C ARG D 273 -7.47 33.52 0.43
N TRP D 274 -7.78 32.44 -0.26
CA TRP D 274 -6.76 31.85 -1.09
C TRP D 274 -6.46 32.80 -2.26
N GLU D 275 -5.17 33.10 -2.47
CA GLU D 275 -4.74 33.97 -3.57
C GLU D 275 -3.25 34.36 -3.54
N MET E 1 -26.32 -1.42 27.36
CA MET E 1 -25.54 -0.25 27.85
C MET E 1 -25.04 0.59 26.67
N ILE E 2 -24.84 1.88 26.95
CA ILE E 2 -24.37 2.81 25.96
C ILE E 2 -23.05 2.42 25.31
N GLN E 3 -22.99 2.52 23.99
CA GLN E 3 -21.77 2.22 23.25
C GLN E 3 -21.52 3.26 22.15
N ARG E 4 -20.69 4.24 22.49
CA ARG E 4 -20.33 5.29 21.57
C ARG E 4 -19.03 4.89 20.87
N THR E 5 -19.01 5.05 19.56
CA THR E 5 -17.86 4.70 18.75
C THR E 5 -16.85 5.85 18.64
N PRO E 6 -15.57 5.54 18.84
CA PRO E 6 -14.43 6.45 18.80
C PRO E 6 -14.12 7.19 17.51
N LYS E 7 -13.87 8.48 17.64
CA LYS E 7 -13.49 9.27 16.49
C LYS E 7 -11.96 9.15 16.50
N ILE E 8 -11.40 8.84 15.34
CA ILE E 8 -9.97 8.67 15.20
C ILE E 8 -9.33 9.78 14.38
N GLN E 9 -8.27 10.38 14.93
CA GLN E 9 -7.54 11.44 14.23
C GLN E 9 -6.04 11.15 14.33
N VAL E 10 -5.41 10.92 13.20
CA VAL E 10 -3.99 10.65 13.23
C VAL E 10 -3.31 11.84 12.57
N TYR E 11 -2.39 12.45 13.31
CA TYR E 11 -1.69 13.63 12.85
C TYR E 11 -0.37 13.82 13.59
N SER E 12 0.32 14.90 13.26
CA SER E 12 1.58 15.20 13.89
C SER E 12 1.50 16.53 14.64
N ARG E 13 2.30 16.65 15.70
CA ARG E 13 2.32 17.87 16.50
C ARG E 13 2.69 19.07 15.65
N HIS E 14 3.83 18.97 14.96
CA HIS E 14 4.31 20.04 14.11
C HIS E 14 4.18 19.58 12.66
N PRO E 15 4.11 20.52 11.72
CA PRO E 15 3.99 20.09 10.33
C PRO E 15 5.17 19.18 9.97
N ALA E 16 4.87 18.10 9.26
CA ALA E 16 5.91 17.16 8.86
C ALA E 16 6.91 17.82 7.91
N GLU E 17 8.18 17.48 8.08
CA GLU E 17 9.27 17.97 7.25
C GLU E 17 10.20 16.78 7.25
N ASN E 18 10.28 16.07 6.14
CA ASN E 18 11.15 14.90 6.12
C ASN E 18 12.55 15.24 6.64
N GLY E 19 12.98 14.50 7.67
CA GLY E 19 14.28 14.75 8.25
C GLY E 19 14.21 15.34 9.65
N LYS E 20 13.25 16.25 9.84
CA LYS E 20 13.06 16.91 11.12
C LYS E 20 12.26 16.08 12.14
N SER E 21 12.69 16.14 13.40
CA SER E 21 12.04 15.40 14.47
C SER E 21 10.64 15.89 14.75
N ASN E 22 9.76 14.97 15.17
CA ASN E 22 8.37 15.32 15.43
C ASN E 22 7.74 14.33 16.43
N PHE E 23 6.42 14.42 16.54
CA PHE E 23 5.64 13.55 17.41
C PHE E 23 4.44 13.09 16.57
N LEU E 24 4.26 11.78 16.42
CA LEU E 24 3.11 11.28 15.66
C LEU E 24 1.96 11.03 16.64
N ASN E 25 0.85 11.71 16.41
CA ASN E 25 -0.33 11.57 17.28
C ASN E 25 -1.49 10.79 16.67
N CYS E 26 -2.28 10.19 17.55
CA CYS E 26 -3.49 9.47 17.18
C CYS E 26 -4.43 9.84 18.31
N TYR E 27 -5.40 10.70 18.01
CA TYR E 27 -6.36 11.17 19.00
C TYR E 27 -7.70 10.43 18.83
N VAL E 28 -8.08 9.69 19.86
CA VAL E 28 -9.33 8.94 19.86
C VAL E 28 -10.29 9.64 20.80
N SER E 29 -11.52 9.87 20.36
CA SER E 29 -12.48 10.58 21.21
C SER E 29 -13.95 10.21 21.03
N GLY E 30 -14.76 10.59 22.01
CA GLY E 30 -16.18 10.33 21.96
C GLY E 30 -16.62 8.89 22.10
N PHE E 31 -15.72 8.00 22.51
CA PHE E 31 -16.08 6.59 22.66
C PHE E 31 -16.59 6.23 24.04
N HIS E 32 -17.19 5.05 24.15
CA HIS E 32 -17.70 4.57 25.42
C HIS E 32 -18.19 3.14 25.22
N PRO E 33 -17.77 2.23 26.10
CA PRO E 33 -16.89 2.43 27.25
C PRO E 33 -15.45 2.87 26.93
N SER E 34 -14.64 2.98 27.99
CA SER E 34 -13.25 3.43 27.86
C SER E 34 -12.28 2.35 27.44
N ASP E 35 -12.69 1.09 27.55
CA ASP E 35 -11.81 0.02 27.15
C ASP E 35 -11.52 0.24 25.67
N ILE E 36 -10.26 0.47 25.30
CA ILE E 36 -9.92 0.71 23.89
C ILE E 36 -8.48 0.39 23.50
N GLU E 37 -8.32 -0.20 22.32
CA GLU E 37 -7.00 -0.56 21.81
C GLU E 37 -6.50 0.45 20.77
N VAL E 38 -5.31 0.98 20.99
CA VAL E 38 -4.75 1.96 20.06
C VAL E 38 -3.29 1.69 19.76
N ASP E 39 -2.96 1.66 18.47
CA ASP E 39 -1.61 1.41 18.00
C ASP E 39 -1.18 2.33 16.87
N LEU E 40 0.09 2.71 16.90
CA LEU E 40 0.65 3.55 15.88
C LEU E 40 1.51 2.59 15.08
N LEU E 41 1.37 2.64 13.76
CA LEU E 41 2.12 1.74 12.92
C LEU E 41 3.05 2.44 11.97
N LYS E 42 4.24 1.85 11.80
CA LYS E 42 5.24 2.37 10.88
C LYS E 42 5.35 1.27 9.81
N ASN E 43 4.92 1.60 8.60
CA ASN E 43 4.95 0.65 7.50
C ASN E 43 4.29 -0.66 7.90
N GLY E 44 3.18 -0.59 8.60
CA GLY E 44 2.49 -1.82 8.98
C GLY E 44 2.87 -2.44 10.31
N GLU E 45 4.12 -2.29 10.72
CA GLU E 45 4.58 -2.85 11.98
C GLU E 45 4.11 -1.99 13.15
N ARG E 46 3.84 -2.62 14.29
CA ARG E 46 3.40 -1.90 15.48
C ARG E 46 4.57 -1.18 16.12
N ILE E 47 4.36 0.03 16.61
CA ILE E 47 5.43 0.79 17.25
C ILE E 47 5.41 0.57 18.75
N GLU E 48 6.58 0.27 19.32
CA GLU E 48 6.71 0.01 20.75
C GLU E 48 6.56 1.20 21.69
N LYS E 49 7.58 2.03 21.71
CA LYS E 49 7.62 3.21 22.57
C LYS E 49 6.47 4.16 22.24
N VAL E 50 5.28 3.83 22.75
CA VAL E 50 4.11 4.66 22.51
C VAL E 50 3.35 4.91 23.80
N GLU E 51 3.22 6.18 24.16
CA GLU E 51 2.52 6.54 25.38
C GLU E 51 1.14 7.10 25.10
N HIS E 52 0.38 7.32 26.18
CA HIS E 52 -0.96 7.85 26.04
C HIS E 52 -1.34 8.71 27.25
N SER E 53 -2.12 9.75 26.99
CA SER E 53 -2.57 10.65 28.03
C SER E 53 -3.38 9.90 29.06
N ASP E 54 -3.73 10.57 30.15
CA ASP E 54 -4.50 9.95 31.21
C ASP E 54 -5.98 9.93 30.85
N LEU E 55 -6.62 8.80 31.08
CA LEU E 55 -8.03 8.67 30.76
C LEU E 55 -8.86 9.85 31.23
N SER E 56 -9.55 10.48 30.29
CA SER E 56 -10.40 11.61 30.62
C SER E 56 -11.62 11.68 29.70
N PHE E 57 -12.64 12.43 30.11
CA PHE E 57 -13.86 12.57 29.31
C PHE E 57 -14.37 14.01 29.20
N SER E 58 -15.33 14.19 28.31
CA SER E 58 -15.92 15.50 28.06
C SER E 58 -17.27 15.68 28.76
N LYS E 59 -17.98 16.78 28.46
CA LYS E 59 -19.28 17.05 29.10
C LYS E 59 -20.32 15.94 28.99
N ASP E 60 -20.32 15.21 27.87
CA ASP E 60 -21.28 14.12 27.67
C ASP E 60 -20.78 12.74 28.14
N TRP E 61 -19.71 12.72 28.93
CA TRP E 61 -19.12 11.49 29.46
C TRP E 61 -18.36 10.61 28.48
N SER E 62 -18.29 11.01 27.21
CA SER E 62 -17.56 10.17 26.28
C SER E 62 -16.09 10.38 26.58
N PHE E 63 -15.31 9.31 26.49
CA PHE E 63 -13.87 9.39 26.80
C PHE E 63 -13.03 9.96 25.68
N TYR E 64 -11.75 10.16 25.99
CA TYR E 64 -10.79 10.66 25.02
C TYR E 64 -9.36 10.49 25.55
N LEU E 65 -8.53 9.86 24.73
CA LEU E 65 -7.14 9.61 25.08
C LEU E 65 -6.26 10.06 23.93
N LEU E 66 -5.03 10.45 24.21
CA LEU E 66 -4.12 10.82 23.14
C LEU E 66 -2.98 9.82 23.10
N TYR E 67 -2.75 9.25 21.93
CA TYR E 67 -1.66 8.30 21.77
C TYR E 67 -0.65 8.98 20.91
N TYR E 68 0.52 9.18 21.47
CA TYR E 68 1.59 9.86 20.76
C TYR E 68 2.85 9.06 20.84
N THR E 69 3.84 9.49 20.08
CA THR E 69 5.14 8.83 20.03
C THR E 69 6.07 9.72 19.23
N GLU E 70 7.36 9.66 19.54
CA GLU E 70 8.35 10.47 18.83
C GLU E 70 8.70 9.79 17.51
N PHE E 71 8.86 10.57 16.47
CA PHE E 71 9.20 9.98 15.19
C PHE E 71 9.78 11.04 14.27
N THR E 72 10.33 10.59 13.16
CA THR E 72 10.91 11.53 12.22
C THR E 72 10.41 11.18 10.83
N PRO E 73 9.56 12.05 10.26
CA PRO E 73 9.00 11.84 8.93
C PRO E 73 10.06 11.55 7.88
N THR E 74 9.65 10.79 6.87
CA THR E 74 10.49 10.42 5.76
C THR E 74 9.54 10.38 4.59
N GLU E 75 10.06 10.68 3.41
CA GLU E 75 9.22 10.66 2.23
C GLU E 75 8.66 9.24 2.04
N LYS E 76 9.54 8.26 2.05
CA LYS E 76 9.15 6.86 1.85
C LYS E 76 8.32 6.21 2.95
N ASP E 77 8.37 6.71 4.17
CA ASP E 77 7.63 6.07 5.25
C ASP E 77 6.14 6.38 5.42
N GLU E 78 5.40 5.37 5.85
CA GLU E 78 3.96 5.50 6.07
C GLU E 78 3.62 5.08 7.50
N TYR E 79 2.83 5.91 8.18
CA TYR E 79 2.42 5.68 9.55
C TYR E 79 0.90 5.63 9.61
N ALA E 80 0.36 4.88 10.56
CA ALA E 80 -1.09 4.80 10.68
C ALA E 80 -1.49 4.46 12.09
N CYS E 81 -2.78 4.60 12.37
CA CYS E 81 -3.33 4.30 13.67
C CYS E 81 -4.35 3.17 13.55
N ARG E 82 -4.18 2.13 14.35
CA ARG E 82 -5.11 1.00 14.35
C ARG E 82 -5.83 1.07 15.68
N VAL E 83 -7.16 0.98 15.63
CA VAL E 83 -7.94 1.11 16.86
C VAL E 83 -8.99 0.03 17.00
N ASN E 84 -9.30 -0.33 18.25
CA ASN E 84 -10.32 -1.31 18.50
C ASN E 84 -11.16 -0.96 19.70
N HIS E 85 -12.43 -1.31 19.59
CA HIS E 85 -13.43 -1.03 20.62
C HIS E 85 -14.55 -2.04 20.37
N VAL E 86 -15.51 -2.15 21.29
CA VAL E 86 -16.63 -3.07 21.09
C VAL E 86 -17.46 -2.61 19.89
N THR E 87 -17.50 -1.31 19.69
CA THR E 87 -18.25 -0.73 18.58
C THR E 87 -17.65 -1.01 17.21
N LEU E 88 -16.47 -1.62 17.18
CA LEU E 88 -15.81 -1.92 15.92
C LEU E 88 -15.71 -3.41 15.71
N SER E 89 -16.27 -3.90 14.61
CA SER E 89 -16.25 -5.32 14.31
C SER E 89 -14.83 -5.78 14.04
N GLN E 90 -14.05 -4.93 13.41
CA GLN E 90 -12.67 -5.26 13.12
C GLN E 90 -11.83 -4.02 13.31
N PRO E 91 -10.55 -4.19 13.66
CA PRO E 91 -9.67 -3.05 13.88
C PRO E 91 -9.77 -2.02 12.77
N LYS E 92 -10.11 -0.78 13.14
CA LYS E 92 -10.21 0.30 12.18
C LYS E 92 -8.80 0.87 11.99
N ILE E 93 -8.39 1.00 10.74
CA ILE E 93 -7.06 1.52 10.45
C ILE E 93 -7.10 2.83 9.68
N VAL E 94 -6.42 3.85 10.22
CA VAL E 94 -6.38 5.15 9.58
C VAL E 94 -4.96 5.51 9.21
N LYS E 95 -4.77 5.89 7.95
CA LYS E 95 -3.46 6.27 7.46
C LYS E 95 -3.19 7.72 7.79
N TRP E 96 -1.94 8.03 8.07
CA TRP E 96 -1.56 9.39 8.38
C TRP E 96 -1.40 10.14 7.10
N ASP E 97 -1.93 11.36 7.06
CA ASP E 97 -1.83 12.22 5.90
C ASP E 97 -1.31 13.54 6.41
N ARG E 98 -0.11 13.91 5.98
CA ARG E 98 0.48 15.15 6.46
C ARG E 98 -0.24 16.42 6.01
N ASP E 99 -1.56 16.33 5.82
CA ASP E 99 -2.36 17.48 5.40
C ASP E 99 -3.70 17.47 6.10
N MET E 100 -3.82 16.61 7.11
CA MET E 100 -5.04 16.45 7.88
C MET E 100 -4.75 16.30 9.37
N ALA F 1 -7.26 21.46 44.24
CA ALA F 1 -7.21 20.47 45.36
C ALA F 1 -8.53 19.78 45.50
N LEU F 2 -8.49 18.46 45.64
CA LEU F 2 -9.70 17.66 45.78
C LEU F 2 -10.55 18.08 46.98
N TRP F 3 -11.84 17.79 46.88
CA TRP F 3 -12.76 18.07 47.98
C TRP F 3 -12.37 17.08 49.09
N GLY F 4 -12.53 17.51 50.35
CA GLY F 4 -12.14 16.66 51.46
C GLY F 4 -13.16 15.68 52.00
N VAL F 5 -14.42 15.80 51.57
CA VAL F 5 -15.45 14.88 52.00
C VAL F 5 -15.57 13.84 50.91
N PHE F 6 -15.96 12.61 51.28
CA PHE F 6 -16.05 11.54 50.30
C PHE F 6 -17.40 10.82 50.30
N PRO F 7 -18.44 11.47 49.76
CA PRO F 7 -19.78 10.92 49.67
C PRO F 7 -19.87 9.59 48.92
N VAL F 8 -20.93 8.84 49.19
CA VAL F 8 -21.18 7.56 48.52
C VAL F 8 -22.59 7.53 47.93
N LEU F 9 -22.76 6.80 46.83
CA LEU F 9 -24.06 6.69 46.18
C LEU F 9 -24.97 5.72 46.97
#